data_2V6B
#
_entry.id   2V6B
#
_cell.length_a   123.350
_cell.length_b   127.930
_cell.length_c   72.920
_cell.angle_alpha   90.00
_cell.angle_beta   90.00
_cell.angle_gamma   90.00
#
_symmetry.space_group_name_H-M   'P 21 21 2'
#
loop_
_entity.id
_entity.type
_entity.pdbx_description
1 polymer 'L-LACTATE DEHYDROGENASE'
2 water water
#
_entity_poly.entity_id   1
_entity_poly.type   'polypeptide(L)'
_entity_poly.pdbx_seq_one_letter_code
;MKVGVVGTGFVGSTAAFALVLRGSCSELVLVDRDEDRAQAEAEDIAHAAPVSHGTRVWHGGHSELADAQVVILTAGANQK
PGESRLDLLEKNADIFRELVPQITRAAPDAVLLVTSNPVDLLTDLATQLAPGQPVIGSGTVLDSARFRHLMAQHAGVDGT
HAHGYVLGEHGDSEVLAWSSAMVAGMPVADFMQAQNLPWNEQVRAKIDEGTRNAAASIIEGKRATYYGIGAALARITEAV
LRDRRAVLTVSAPTPEYGVSLSLPRVVGRQGVLSTLHPKLTGDEQQKLEQSAGVLRGFKQQLGL
;
_entity_poly.pdbx_strand_id   A,B,C,D
#
# COMPACT_ATOMS: atom_id res chain seq x y z
N MET A 1 -4.92 15.74 3.17
CA MET A 1 -6.28 15.35 2.69
C MET A 1 -7.19 15.13 3.91
N LYS A 2 -8.27 15.90 3.99
CA LYS A 2 -9.11 15.84 5.18
C LYS A 2 -10.49 15.31 4.92
N VAL A 3 -10.86 14.31 5.68
CA VAL A 3 -12.18 13.71 5.56
C VAL A 3 -12.86 13.75 6.92
N GLY A 4 -14.15 14.03 6.90
CA GLY A 4 -14.97 13.85 8.08
C GLY A 4 -16.19 13.05 7.75
N VAL A 5 -16.70 12.37 8.76
CA VAL A 5 -17.87 11.52 8.68
C VAL A 5 -18.86 12.06 9.70
N VAL A 6 -20.09 12.33 9.26
CA VAL A 6 -21.16 12.70 10.18
C VAL A 6 -22.10 11.53 10.49
N GLY A 7 -22.15 11.14 11.77
CA GLY A 7 -22.90 9.96 12.17
C GLY A 7 -22.03 8.72 12.19
N THR A 8 -21.72 8.21 13.37
CA THR A 8 -20.80 7.09 13.46
C THR A 8 -21.51 5.76 13.71
N GLY A 9 -22.66 5.58 13.06
CA GLY A 9 -23.27 4.27 13.00
C GLY A 9 -22.34 3.31 12.26
N PHE A 10 -22.83 2.13 11.91
CA PHE A 10 -21.98 1.11 11.31
C PHE A 10 -21.36 1.52 9.97
N VAL A 11 -22.17 2.12 9.11
CA VAL A 11 -21.68 2.54 7.80
C VAL A 11 -20.59 3.61 7.90
N GLY A 12 -20.66 4.44 8.93
CA GLY A 12 -19.72 5.52 9.06
C GLY A 12 -18.35 5.04 9.50
N SER A 13 -18.34 4.20 10.53
CA SER A 13 -17.10 3.77 11.12
C SER A 13 -16.43 2.66 10.31
N THR A 14 -17.21 1.98 9.47
CA THR A 14 -16.64 1.00 8.58
C THR A 14 -16.01 1.70 7.38
N ALA A 15 -16.58 2.83 7.01
CA ALA A 15 -16.03 3.62 5.93
C ALA A 15 -14.74 4.26 6.40
N ALA A 16 -14.74 4.72 7.65
CA ALA A 16 -13.57 5.40 8.20
C ALA A 16 -12.43 4.42 8.39
N PHE A 17 -12.77 3.27 8.95
CA PHE A 17 -11.84 2.17 9.10
C PHE A 17 -11.14 1.86 7.79
N ALA A 18 -11.90 1.79 6.71
CA ALA A 18 -11.34 1.49 5.40
C ALA A 18 -10.45 2.63 4.91
N LEU A 19 -10.84 3.86 5.21
CA LEU A 19 -10.03 5.01 4.79
C LEU A 19 -8.68 4.97 5.52
N VAL A 20 -8.72 4.58 6.78
CA VAL A 20 -7.56 4.64 7.63
C VAL A 20 -6.60 3.51 7.30
N LEU A 21 -7.17 2.36 6.96
CA LEU A 21 -6.39 1.18 6.67
C LEU A 21 -5.64 1.37 5.36
N ARG A 22 -6.25 2.03 4.38
CA ARG A 22 -5.65 2.25 3.07
C ARG A 22 -4.85 3.53 3.02
N GLY A 23 -4.83 4.24 4.15
CA GLY A 23 -4.11 5.49 4.21
C GLY A 23 -4.62 6.48 3.19
N SER A 24 -5.92 6.43 2.92
CA SER A 24 -6.53 7.29 1.91
C SER A 24 -6.44 8.79 2.20
N CYS A 25 -6.45 9.13 3.48
CA CYS A 25 -6.36 10.52 3.89
C CYS A 25 -5.44 10.62 5.10
N SER A 26 -5.05 11.84 5.45
CA SER A 26 -4.16 12.05 6.58
C SER A 26 -4.91 12.51 7.82
N GLU A 27 -6.06 13.14 7.62
CA GLU A 27 -6.89 13.59 8.73
C GLU A 27 -8.30 13.07 8.60
N LEU A 28 -8.86 12.59 9.70
CA LEU A 28 -10.20 12.02 9.68
C LEU A 28 -10.96 12.38 10.95
N VAL A 29 -12.02 13.19 10.80
CA VAL A 29 -12.87 13.57 11.92
C VAL A 29 -14.17 12.81 11.93
N LEU A 30 -14.50 12.23 13.07
CA LEU A 30 -15.85 11.72 13.30
C LEU A 30 -16.71 12.73 14.05
N VAL A 31 -17.88 13.04 13.48
CA VAL A 31 -18.80 14.04 14.03
C VAL A 31 -20.13 13.35 14.27
N ASP A 32 -20.58 13.38 15.52
CA ASP A 32 -21.81 12.67 15.85
C ASP A 32 -22.56 13.25 17.06
N ARG A 33 -23.88 13.22 16.99
CA ARG A 33 -24.74 13.66 18.09
C ARG A 33 -24.36 12.91 19.37
N ASP A 34 -24.09 11.62 19.22
CA ASP A 34 -23.67 10.77 20.34
C ASP A 34 -22.15 10.83 20.51
N GLU A 35 -21.67 11.88 21.15
CA GLU A 35 -20.24 12.16 21.20
C GLU A 35 -19.42 11.08 21.90
N ASP A 36 -20.06 10.30 22.76
CA ASP A 36 -19.36 9.22 23.42
C ASP A 36 -18.97 8.12 22.45
N ARG A 37 -19.90 7.75 21.57
CA ARG A 37 -19.61 6.76 20.53
C ARG A 37 -18.48 7.30 19.66
N ALA A 38 -18.69 8.49 19.11
CA ALA A 38 -17.73 9.09 18.19
C ALA A 38 -16.33 9.07 18.79
N GLN A 39 -16.24 9.07 20.12
CA GLN A 39 -14.97 9.23 20.80
C GLN A 39 -14.09 7.99 20.82
N ALA A 40 -14.70 6.81 21.00
CA ALA A 40 -13.92 5.57 21.07
C ALA A 40 -13.48 5.14 19.68
N GLU A 41 -14.46 5.01 18.80
CA GLU A 41 -14.19 4.67 17.44
C GLU A 41 -13.15 5.54 16.83
N ALA A 42 -13.15 6.83 17.14
CA ALA A 42 -12.06 7.69 16.69
C ALA A 42 -10.84 7.09 17.38
N GLU A 43 -10.94 6.77 18.67
CA GLU A 43 -9.81 6.20 19.42
C GLU A 43 -9.42 4.80 18.97
N ASP A 44 -10.40 3.95 18.70
CA ASP A 44 -10.13 2.58 18.29
C ASP A 44 -9.50 2.61 16.91
N ILE A 45 -10.23 3.21 15.98
CA ILE A 45 -9.75 3.39 14.61
C ILE A 45 -8.42 4.12 14.56
N ALA A 46 -8.11 4.84 15.64
CA ALA A 46 -6.90 5.64 15.70
C ALA A 46 -5.75 4.80 15.20
N HIS A 47 -5.99 3.51 15.16
CA HIS A 47 -4.95 2.51 15.36
C HIS A 47 -4.67 1.61 14.19
N ALA A 48 -5.70 1.31 13.43
CA ALA A 48 -5.53 0.47 12.25
C ALA A 48 -4.64 1.22 11.25
N ALA A 49 -4.12 2.37 11.64
CA ALA A 49 -3.34 3.19 10.71
C ALA A 49 -1.99 2.57 10.38
N PRO A 50 -1.77 2.25 9.09
CA PRO A 50 -0.47 1.72 8.66
C PRO A 50 0.57 2.80 8.91
N VAL A 51 1.78 2.36 9.22
CA VAL A 51 2.89 3.26 9.52
C VAL A 51 3.26 4.16 8.33
N SER A 52 3.25 3.59 7.13
CA SER A 52 3.77 4.30 5.96
C SER A 52 2.68 4.64 4.94
N HIS A 53 1.46 4.81 5.43
CA HIS A 53 0.72 6.03 5.19
C HIS A 53 0.48 6.73 6.51
N GLY A 54 -0.71 6.58 7.10
CA GLY A 54 -0.90 7.05 8.46
C GLY A 54 -1.75 8.29 8.60
N THR A 55 -2.56 8.34 9.64
CA THR A 55 -3.69 9.23 9.66
C THR A 55 -3.96 9.71 11.07
N ARG A 56 -4.22 11.00 11.23
CA ARG A 56 -4.69 11.51 12.52
C ARG A 56 -6.21 11.42 12.58
N VAL A 57 -6.69 10.68 13.57
CA VAL A 57 -8.12 10.41 13.68
C VAL A 57 -8.67 10.92 15.00
N TRP A 58 -9.77 11.65 14.94
CA TRP A 58 -10.36 12.11 16.18
C TRP A 58 -11.85 12.41 16.08
N HIS A 59 -12.44 12.65 17.26
CA HIS A 59 -13.84 13.01 17.34
C HIS A 59 -13.95 14.51 17.60
N GLY A 60 -15.15 15.03 17.50
CA GLY A 60 -15.35 16.46 17.64
C GLY A 60 -16.70 16.82 17.07
N GLY A 61 -16.93 18.11 16.88
CA GLY A 61 -18.21 18.57 16.38
C GLY A 61 -18.08 19.23 15.03
N HIS A 62 -19.19 19.75 14.52
CA HIS A 62 -19.24 20.27 13.16
C HIS A 62 -18.14 21.29 12.84
N SER A 63 -17.77 22.11 13.81
CA SER A 63 -16.72 23.10 13.58
C SER A 63 -15.43 22.37 13.20
N GLU A 64 -15.29 21.14 13.68
CA GLU A 64 -14.09 20.34 13.47
C GLU A 64 -13.96 19.75 12.06
N LEU A 65 -14.95 19.99 11.22
CA LEU A 65 -14.93 19.54 9.84
C LEU A 65 -14.17 20.54 8.97
N ALA A 66 -13.77 21.65 9.58
CA ALA A 66 -13.13 22.72 8.84
C ALA A 66 -12.02 22.21 7.91
N ASP A 67 -12.07 22.64 6.66
CA ASP A 67 -11.03 22.33 5.67
C ASP A 67 -11.14 20.91 5.11
N ALA A 68 -12.24 20.24 5.42
CA ALA A 68 -12.49 18.92 4.88
C ALA A 68 -12.66 19.02 3.38
N GLN A 69 -12.11 18.04 2.65
CA GLN A 69 -12.33 17.92 1.21
C GLN A 69 -13.54 17.04 0.92
N VAL A 70 -13.80 16.11 1.82
CA VAL A 70 -14.95 15.26 1.65
C VAL A 70 -15.64 15.11 3.00
N VAL A 71 -16.97 15.20 3.00
CA VAL A 71 -17.74 14.85 4.18
C VAL A 71 -18.75 13.74 3.86
N ILE A 72 -18.62 12.62 4.56
CA ILE A 72 -19.49 11.49 4.30
C ILE A 72 -20.64 11.53 5.29
N LEU A 73 -21.84 11.76 4.78
CA LEU A 73 -23.04 11.87 5.61
C LEU A 73 -23.76 10.53 5.75
N THR A 74 -23.62 9.89 6.91
CA THR A 74 -24.23 8.58 7.10
C THR A 74 -25.35 8.64 8.12
N ALA A 75 -25.56 9.82 8.70
CA ALA A 75 -26.55 9.98 9.77
C ALA A 75 -27.94 9.54 9.32
N LEU A 88 -38.58 5.84 6.52
CA LEU A 88 -37.52 6.55 7.24
C LEU A 88 -37.29 7.94 6.67
N LEU A 89 -37.36 8.04 5.34
CA LEU A 89 -37.02 9.28 4.64
C LEU A 89 -37.60 10.49 5.35
N GLU A 90 -38.85 10.37 5.79
CA GLU A 90 -39.49 11.45 6.54
C GLU A 90 -38.56 11.95 7.65
N LYS A 91 -38.24 11.07 8.58
CA LYS A 91 -37.34 11.42 9.67
C LYS A 91 -36.01 11.94 9.14
N ASN A 92 -35.44 11.20 8.20
CA ASN A 92 -34.09 11.47 7.75
C ASN A 92 -33.97 12.84 7.09
N ALA A 93 -35.09 13.40 6.65
CA ALA A 93 -35.06 14.73 6.06
C ALA A 93 -34.97 15.80 7.16
N ASP A 94 -35.78 15.63 8.19
CA ASP A 94 -35.71 16.50 9.36
C ASP A 94 -34.28 16.58 9.90
N ILE A 95 -33.58 15.45 9.83
CA ILE A 95 -32.19 15.39 10.26
C ILE A 95 -31.26 16.11 9.28
N PHE A 96 -31.47 15.89 7.99
CA PHE A 96 -30.66 16.57 6.99
C PHE A 96 -30.86 18.06 7.09
N ARG A 97 -32.10 18.46 7.33
CA ARG A 97 -32.45 19.87 7.43
C ARG A 97 -31.73 20.53 8.61
N GLU A 98 -31.31 19.73 9.59
CA GLU A 98 -30.55 20.27 10.71
C GLU A 98 -29.04 20.20 10.48
N LEU A 99 -28.58 19.11 9.87
CA LEU A 99 -27.15 18.87 9.73
C LEU A 99 -26.52 19.53 8.49
N VAL A 100 -27.09 19.27 7.31
CA VAL A 100 -26.47 19.77 6.09
C VAL A 100 -26.07 21.24 6.21
N PRO A 101 -26.97 22.09 6.74
CA PRO A 101 -26.55 23.48 6.93
C PRO A 101 -25.38 23.68 7.91
N GLN A 102 -25.30 22.85 8.94
CA GLN A 102 -24.17 22.88 9.86
C GLN A 102 -22.88 22.48 9.14
N ILE A 103 -22.99 21.49 8.25
CA ILE A 103 -21.88 21.07 7.41
C ILE A 103 -21.45 22.18 6.46
N THR A 104 -22.41 22.76 5.75
CA THR A 104 -22.11 23.82 4.81
C THR A 104 -21.48 24.99 5.53
N ARG A 105 -21.93 25.24 6.77
CA ARG A 105 -21.31 26.24 7.63
C ARG A 105 -19.80 26.05 7.71
N ALA A 106 -19.38 24.89 8.20
CA ALA A 106 -17.97 24.64 8.49
C ALA A 106 -17.15 24.29 7.25
N ALA A 107 -17.67 23.41 6.41
CA ALA A 107 -16.97 22.96 5.22
C ALA A 107 -17.79 23.26 3.97
N PRO A 108 -17.77 24.52 3.53
CA PRO A 108 -18.45 25.00 2.32
C PRO A 108 -17.90 24.43 1.01
N ASP A 109 -16.62 24.05 1.03
CA ASP A 109 -15.96 23.55 -0.18
C ASP A 109 -15.98 22.02 -0.27
N ALA A 110 -16.21 21.37 0.86
CA ALA A 110 -16.17 19.92 0.90
C ALA A 110 -17.18 19.34 -0.09
N VAL A 111 -16.79 18.24 -0.74
CA VAL A 111 -17.76 17.44 -1.48
C VAL A 111 -18.61 16.69 -0.47
N LEU A 112 -19.91 16.73 -0.68
CA LEU A 112 -20.85 16.14 0.24
C LEU A 112 -21.21 14.76 -0.28
N LEU A 113 -20.85 13.73 0.48
CA LEU A 113 -21.14 12.37 0.06
C LEU A 113 -22.26 11.75 0.90
N VAL A 114 -23.44 11.67 0.31
CA VAL A 114 -24.63 11.22 1.01
C VAL A 114 -24.77 9.71 0.88
N THR A 115 -25.02 9.02 1.99
CA THR A 115 -25.11 7.56 1.95
C THR A 115 -26.36 7.01 2.64
N SER A 116 -27.04 7.81 3.45
CA SER A 116 -28.18 7.25 4.16
C SER A 116 -29.36 6.99 3.23
N ASN A 117 -30.14 5.95 3.54
CA ASN A 117 -31.30 5.60 2.72
C ASN A 117 -32.58 6.30 3.16
N PRO A 118 -33.39 6.71 2.19
CA PRO A 118 -33.09 6.49 0.78
C PRO A 118 -32.08 7.48 0.25
N VAL A 119 -30.96 6.98 -0.26
CA VAL A 119 -29.85 7.85 -0.63
C VAL A 119 -30.22 8.73 -1.81
N ASP A 120 -31.11 8.26 -2.66
CA ASP A 120 -31.43 9.04 -3.86
C ASP A 120 -32.10 10.36 -3.53
N LEU A 121 -33.22 10.30 -2.82
CA LEU A 121 -33.97 11.50 -2.46
C LEU A 121 -33.23 12.31 -1.41
N LEU A 122 -32.65 11.62 -0.43
CA LEU A 122 -31.82 12.27 0.56
C LEU A 122 -30.62 12.97 -0.07
N THR A 123 -30.32 12.65 -1.33
CA THR A 123 -29.28 13.36 -2.08
C THR A 123 -29.92 14.58 -2.72
N ASP A 124 -31.11 14.40 -3.27
CA ASP A 124 -31.88 15.53 -3.79
C ASP A 124 -32.14 16.57 -2.70
N LEU A 125 -32.52 16.10 -1.52
CA LEU A 125 -32.71 16.99 -0.37
C LEU A 125 -31.42 17.75 -0.07
N ALA A 126 -30.32 17.02 0.06
CA ALA A 126 -29.06 17.62 0.44
C ALA A 126 -28.60 18.62 -0.61
N THR A 127 -28.88 18.32 -1.86
CA THR A 127 -28.58 19.24 -2.95
C THR A 127 -29.41 20.52 -2.76
N GLN A 128 -30.62 20.37 -2.25
CA GLN A 128 -31.46 21.53 -1.95
C GLN A 128 -30.86 22.34 -0.81
N LEU A 129 -30.58 21.68 0.31
CA LEU A 129 -30.04 22.34 1.48
C LEU A 129 -28.66 22.95 1.25
N ALA A 130 -27.91 22.39 0.30
CA ALA A 130 -26.53 22.81 0.09
C ALA A 130 -26.20 23.08 -1.38
N PRO A 131 -26.83 24.10 -1.97
CA PRO A 131 -26.46 24.56 -3.31
C PRO A 131 -25.07 25.17 -3.29
N GLY A 132 -24.44 25.28 -4.44
CA GLY A 132 -23.10 25.85 -4.49
C GLY A 132 -22.11 25.00 -3.73
N GLN A 133 -22.33 23.69 -3.80
CA GLN A 133 -21.43 22.73 -3.17
C GLN A 133 -21.65 21.39 -3.85
N PRO A 134 -20.57 20.67 -4.19
CA PRO A 134 -20.80 19.38 -4.84
C PRO A 134 -21.52 18.42 -3.90
N VAL A 135 -22.61 17.81 -4.38
CA VAL A 135 -23.35 16.85 -3.59
C VAL A 135 -23.60 15.59 -4.42
N ILE A 136 -23.23 14.44 -3.87
CA ILE A 136 -23.50 13.18 -4.55
C ILE A 136 -23.86 12.12 -3.54
N GLY A 137 -24.59 11.12 -4.01
CA GLY A 137 -24.92 9.99 -3.17
C GLY A 137 -24.19 8.75 -3.62
N SER A 138 -23.99 7.83 -2.69
CA SER A 138 -23.27 6.59 -2.97
C SER A 138 -24.02 5.77 -4.00
N GLY A 139 -25.33 5.96 -4.04
CA GLY A 139 -26.15 5.34 -5.06
C GLY A 139 -25.88 3.87 -5.23
N THR A 140 -25.62 3.48 -6.48
CA THR A 140 -25.45 2.08 -6.86
C THR A 140 -23.99 1.68 -7.02
N VAL A 141 -23.08 2.49 -6.48
CA VAL A 141 -21.65 2.22 -6.62
C VAL A 141 -21.28 0.81 -6.18
N LEU A 142 -21.69 0.43 -4.98
CA LEU A 142 -21.41 -0.91 -4.46
C LEU A 142 -22.01 -1.99 -5.37
N ASP A 143 -23.22 -1.75 -5.85
CA ASP A 143 -23.94 -2.74 -6.63
C ASP A 143 -23.31 -2.91 -8.01
N SER A 144 -22.90 -1.81 -8.62
CA SER A 144 -22.16 -1.92 -9.87
C SER A 144 -20.88 -2.76 -9.66
N ALA A 145 -20.33 -2.70 -8.46
CA ALA A 145 -19.08 -3.39 -8.17
C ALA A 145 -19.34 -4.87 -7.92
N ARG A 146 -20.46 -5.21 -7.26
CA ARG A 146 -20.85 -6.61 -7.10
C ARG A 146 -21.11 -7.20 -8.47
N PHE A 147 -21.91 -6.49 -9.24
CA PHE A 147 -22.26 -6.92 -10.58
C PHE A 147 -21.02 -7.33 -11.36
N ARG A 148 -19.99 -6.51 -11.34
CA ARG A 148 -18.74 -6.82 -12.05
C ARG A 148 -17.97 -7.96 -11.40
N HIS A 149 -17.88 -7.94 -10.08
CA HIS A 149 -17.18 -8.99 -9.37
C HIS A 149 -17.78 -10.36 -9.70
N LEU A 150 -19.11 -10.49 -9.66
CA LEU A 150 -19.75 -11.76 -10.00
C LEU A 150 -19.53 -12.19 -11.45
N MET A 151 -19.58 -11.28 -12.40
CA MET A 151 -19.27 -11.69 -13.77
C MET A 151 -17.83 -12.17 -13.87
N ALA A 152 -16.91 -11.42 -13.26
CA ALA A 152 -15.50 -11.74 -13.33
C ALA A 152 -15.26 -13.11 -12.72
N GLN A 153 -15.94 -13.37 -11.61
CA GLN A 153 -15.79 -14.62 -10.91
C GLN A 153 -16.20 -15.75 -11.83
N HIS A 154 -17.33 -15.58 -12.47
CA HIS A 154 -17.80 -16.59 -13.38
C HIS A 154 -16.90 -16.70 -14.63
N ALA A 155 -16.30 -15.59 -15.05
CA ALA A 155 -15.46 -15.63 -16.23
C ALA A 155 -14.07 -16.21 -15.96
N GLY A 156 -13.68 -16.32 -14.69
CA GLY A 156 -12.36 -16.84 -14.42
C GLY A 156 -11.25 -15.79 -14.58
N VAL A 157 -11.60 -14.50 -14.49
CA VAL A 157 -10.61 -13.43 -14.56
C VAL A 157 -10.72 -12.40 -13.44
N ASP A 158 -9.71 -11.56 -13.32
CA ASP A 158 -9.66 -10.56 -12.28
C ASP A 158 -10.78 -9.54 -12.51
N GLY A 159 -11.30 -9.01 -11.40
CA GLY A 159 -12.34 -8.01 -11.45
C GLY A 159 -12.11 -6.80 -12.34
N THR A 160 -10.87 -6.36 -12.54
CA THR A 160 -10.67 -5.14 -13.33
C THR A 160 -11.04 -5.36 -14.79
N HIS A 161 -11.09 -6.61 -15.22
CA HIS A 161 -11.37 -6.90 -16.63
C HIS A 161 -12.87 -7.05 -16.91
N ALA A 162 -13.69 -6.79 -15.89
CA ALA A 162 -15.15 -6.80 -16.03
C ALA A 162 -15.68 -5.38 -16.06
N HIS A 163 -16.66 -5.15 -16.94
CA HIS A 163 -17.32 -3.86 -17.03
C HIS A 163 -18.84 -4.06 -16.93
N GLY A 164 -19.52 -3.21 -16.15
CA GLY A 164 -20.96 -3.30 -15.97
C GLY A 164 -21.50 -2.21 -15.04
N TYR A 165 -22.69 -1.71 -15.34
CA TYR A 165 -23.32 -0.69 -14.50
C TYR A 165 -24.63 -1.17 -13.93
N VAL A 166 -24.88 -0.82 -12.67
CA VAL A 166 -26.22 -0.90 -12.10
C VAL A 166 -26.78 0.52 -12.00
N LEU A 167 -27.93 0.75 -12.63
CA LEU A 167 -28.42 2.11 -12.83
C LEU A 167 -29.70 2.36 -12.06
N GLY A 168 -30.02 3.65 -11.88
CA GLY A 168 -31.33 4.01 -11.39
C GLY A 168 -31.46 4.18 -9.88
N GLU A 169 -32.53 3.64 -9.33
CA GLU A 169 -32.83 3.80 -7.91
C GLU A 169 -32.19 2.70 -7.08
N HIS A 170 -31.36 3.11 -6.13
CA HIS A 170 -30.75 2.18 -5.20
C HIS A 170 -31.83 1.36 -4.50
N GLY A 171 -31.80 0.05 -4.73
CA GLY A 171 -32.79 -0.82 -4.13
C GLY A 171 -33.41 -1.85 -5.05
N ASP A 172 -34.62 -2.29 -4.71
CA ASP A 172 -35.33 -3.30 -5.48
C ASP A 172 -35.52 -2.90 -6.93
N SER A 173 -35.53 -1.59 -7.19
CA SER A 173 -35.91 -1.09 -8.52
C SER A 173 -34.75 -0.74 -9.43
N GLU A 174 -33.54 -1.22 -9.13
CA GLU A 174 -32.37 -0.83 -9.92
C GLU A 174 -32.16 -1.74 -11.12
N VAL A 175 -31.55 -1.18 -12.16
CA VAL A 175 -31.43 -1.86 -13.45
C VAL A 175 -30.01 -2.31 -13.71
N LEU A 176 -29.81 -3.62 -13.88
CA LEU A 176 -28.53 -4.12 -14.36
C LEU A 176 -28.47 -3.93 -15.88
N ALA A 177 -27.48 -3.18 -16.34
CA ALA A 177 -27.31 -2.95 -17.75
C ALA A 177 -26.62 -4.13 -18.43
N TRP A 178 -27.27 -5.29 -18.38
CA TRP A 178 -26.75 -6.47 -19.05
C TRP A 178 -26.36 -6.19 -20.50
N SER A 179 -26.98 -5.17 -21.08
CA SER A 179 -26.76 -4.86 -22.49
C SER A 179 -25.36 -4.35 -22.76
N SER A 180 -24.70 -3.81 -21.74
CA SER A 180 -23.35 -3.28 -21.91
C SER A 180 -22.32 -4.03 -21.07
N ALA A 181 -22.72 -5.12 -20.43
CA ALA A 181 -21.79 -5.92 -19.64
C ALA A 181 -20.67 -6.52 -20.52
N MET A 182 -19.45 -6.46 -20.01
CA MET A 182 -18.25 -6.61 -20.82
C MET A 182 -17.20 -7.36 -19.97
N VAL A 183 -16.52 -8.34 -20.56
CA VAL A 183 -15.36 -8.97 -19.91
C VAL A 183 -14.19 -9.02 -20.90
N ALA A 184 -13.03 -8.51 -20.49
CA ALA A 184 -11.87 -8.42 -21.39
C ALA A 184 -12.21 -7.77 -22.74
N GLY A 185 -13.03 -6.73 -22.71
CA GLY A 185 -13.30 -5.95 -23.91
C GLY A 185 -14.36 -6.55 -24.82
N MET A 186 -14.93 -7.68 -24.39
CA MET A 186 -16.01 -8.33 -25.14
C MET A 186 -17.32 -8.33 -24.37
N PRO A 187 -18.43 -8.58 -25.08
CA PRO A 187 -19.72 -8.81 -24.42
C PRO A 187 -19.65 -10.10 -23.62
N VAL A 188 -20.06 -10.01 -22.35
CA VAL A 188 -19.84 -11.10 -21.42
C VAL A 188 -20.17 -12.42 -22.12
N ALA A 189 -21.31 -12.48 -22.79
CA ALA A 189 -21.77 -13.68 -23.47
C ALA A 189 -20.76 -14.20 -24.48
N ASP A 190 -20.14 -13.27 -25.21
CA ASP A 190 -19.14 -13.64 -26.20
C ASP A 190 -17.86 -14.16 -25.55
N PHE A 191 -17.57 -13.72 -24.34
CA PHE A 191 -16.40 -14.21 -23.62
C PHE A 191 -16.63 -15.62 -23.11
N MET A 192 -17.79 -15.84 -22.51
CA MET A 192 -18.14 -17.14 -21.99
C MET A 192 -18.19 -18.16 -23.11
N GLN A 193 -18.57 -17.71 -24.30
CA GLN A 193 -18.62 -18.59 -25.46
C GLN A 193 -17.21 -18.99 -25.89
N ALA A 194 -16.31 -18.02 -25.93
CA ALA A 194 -14.94 -18.27 -26.33
C ALA A 194 -14.21 -19.10 -25.30
N GLN A 195 -14.56 -18.90 -24.04
CA GLN A 195 -13.92 -19.61 -22.95
C GLN A 195 -14.61 -20.93 -22.68
N ASN A 196 -15.73 -21.14 -23.36
CA ASN A 196 -16.50 -22.37 -23.21
C ASN A 196 -17.03 -22.45 -21.79
N LEU A 197 -17.55 -21.34 -21.30
CA LEU A 197 -18.14 -21.31 -19.97
C LEU A 197 -19.63 -21.10 -20.11
N PRO A 198 -20.44 -21.75 -19.26
CA PRO A 198 -21.90 -21.67 -19.33
C PRO A 198 -22.43 -20.26 -19.14
N TRP A 199 -23.30 -19.85 -20.06
CA TRP A 199 -23.99 -18.57 -19.98
C TRP A 199 -25.44 -18.80 -20.37
N ASN A 200 -26.37 -18.54 -19.45
CA ASN A 200 -27.77 -18.84 -19.72
C ASN A 200 -28.63 -18.13 -18.69
N GLU A 201 -29.83 -17.73 -19.10
CA GLU A 201 -30.73 -16.98 -18.23
C GLU A 201 -30.65 -17.35 -16.76
N GLN A 202 -30.31 -18.60 -16.47
CA GLN A 202 -30.14 -19.01 -15.09
C GLN A 202 -28.90 -18.42 -14.41
N VAL A 203 -27.77 -18.48 -15.10
CA VAL A 203 -26.53 -17.90 -14.57
C VAL A 203 -26.70 -16.42 -14.27
N ARG A 204 -27.31 -15.70 -15.21
CA ARG A 204 -27.51 -14.27 -15.04
C ARG A 204 -28.43 -13.97 -13.87
N ALA A 205 -29.52 -14.72 -13.77
CA ALA A 205 -30.47 -14.59 -12.67
C ALA A 205 -29.78 -14.77 -11.33
N LYS A 206 -28.83 -15.67 -11.27
CA LYS A 206 -28.04 -15.85 -10.05
C LYS A 206 -27.19 -14.60 -9.77
N ILE A 207 -26.45 -14.13 -10.79
CA ILE A 207 -25.68 -12.90 -10.66
C ILE A 207 -26.60 -11.75 -10.19
N ASP A 208 -27.74 -11.60 -10.87
CA ASP A 208 -28.70 -10.55 -10.56
C ASP A 208 -28.97 -10.51 -9.07
N GLU A 209 -29.31 -11.67 -8.51
CA GLU A 209 -29.57 -11.77 -7.08
C GLU A 209 -28.37 -11.27 -6.27
N GLY A 210 -27.22 -11.87 -6.49
CA GLY A 210 -26.04 -11.49 -5.74
C GLY A 210 -25.77 -10.00 -5.87
N THR A 211 -25.87 -9.50 -7.09
CA THR A 211 -25.68 -8.08 -7.34
C THR A 211 -26.57 -7.23 -6.43
N ARG A 212 -27.86 -7.41 -6.52
CA ARG A 212 -28.77 -6.51 -5.82
C ARG A 212 -29.10 -6.99 -4.42
N ASN A 213 -28.29 -7.89 -3.88
CA ASN A 213 -28.55 -8.47 -2.57
C ASN A 213 -30.05 -8.59 -2.28
N THR A 225 -24.33 -6.11 7.64
CA THR A 225 -22.95 -6.19 7.17
C THR A 225 -22.61 -5.01 6.28
N TYR A 226 -21.56 -4.28 6.63
CA TYR A 226 -21.23 -3.05 5.94
C TYR A 226 -19.80 -2.91 5.46
N TYR A 227 -19.20 -4.02 5.04
CA TYR A 227 -17.82 -3.98 4.56
C TYR A 227 -17.73 -3.49 3.13
N GLY A 228 -18.61 -3.99 2.28
CA GLY A 228 -18.60 -3.60 0.88
C GLY A 228 -18.90 -2.13 0.69
N ILE A 229 -19.92 -1.65 1.39
CA ILE A 229 -20.30 -0.24 1.30
C ILE A 229 -19.23 0.64 1.91
N GLY A 230 -18.62 0.14 2.98
CA GLY A 230 -17.53 0.87 3.61
C GLY A 230 -16.43 1.09 2.60
N ALA A 231 -16.00 0.01 1.95
CA ALA A 231 -14.90 0.08 1.00
C ALA A 231 -15.26 0.95 -0.21
N ALA A 232 -16.52 0.88 -0.62
CA ALA A 232 -17.01 1.63 -1.76
C ALA A 232 -17.03 3.13 -1.46
N LEU A 233 -17.47 3.49 -0.26
CA LEU A 233 -17.47 4.89 0.18
C LEU A 233 -16.04 5.42 0.15
N ALA A 234 -15.11 4.58 0.57
CA ALA A 234 -13.71 5.00 0.63
C ALA A 234 -13.15 5.23 -0.77
N ARG A 235 -13.61 4.43 -1.72
CA ARG A 235 -13.09 4.53 -3.07
C ARG A 235 -13.67 5.78 -3.72
N ILE A 236 -14.90 6.12 -3.36
CA ILE A 236 -15.51 7.33 -3.88
C ILE A 236 -14.76 8.52 -3.31
N THR A 237 -14.47 8.46 -2.01
CA THR A 237 -13.73 9.52 -1.35
C THR A 237 -12.35 9.73 -1.98
N GLU A 238 -11.69 8.63 -2.35
CA GLU A 238 -10.32 8.71 -2.88
C GLU A 238 -10.37 9.34 -4.26
N ALA A 239 -11.48 9.13 -4.98
CA ALA A 239 -11.63 9.68 -6.32
C ALA A 239 -11.66 11.19 -6.22
N VAL A 240 -12.33 11.67 -5.17
CA VAL A 240 -12.34 13.09 -4.88
C VAL A 240 -10.97 13.59 -4.41
N LEU A 241 -10.48 12.98 -3.34
CA LEU A 241 -9.24 13.41 -2.74
C LEU A 241 -8.06 13.45 -3.71
N ARG A 242 -8.03 12.52 -4.65
CA ARG A 242 -6.91 12.42 -5.60
C ARG A 242 -7.25 12.90 -7.01
N ASP A 243 -8.40 13.54 -7.16
CA ASP A 243 -8.81 14.07 -8.46
C ASP A 243 -8.54 13.07 -9.57
N ARG A 244 -9.17 11.91 -9.48
CA ARG A 244 -8.83 10.79 -10.33
C ARG A 244 -9.59 10.65 -11.65
N ARG A 245 -10.73 11.31 -11.76
CA ARG A 245 -11.58 11.16 -12.94
C ARG A 245 -12.05 9.72 -13.07
N ALA A 246 -12.61 9.20 -11.99
CA ALA A 246 -13.09 7.82 -11.94
C ALA A 246 -14.54 7.73 -12.39
N VAL A 247 -14.89 6.67 -13.11
CA VAL A 247 -16.25 6.50 -13.58
C VAL A 247 -17.03 5.66 -12.57
N LEU A 248 -17.96 6.32 -11.88
CA LEU A 248 -18.70 5.69 -10.81
C LEU A 248 -20.19 5.92 -11.02
N THR A 249 -21.01 4.91 -10.72
CA THR A 249 -22.44 5.06 -10.84
C THR A 249 -23.02 5.66 -9.55
N VAL A 250 -22.66 6.93 -9.29
CA VAL A 250 -23.18 7.65 -8.12
C VAL A 250 -24.51 8.33 -8.42
N SER A 251 -25.28 8.59 -7.36
CA SER A 251 -26.56 9.26 -7.50
C SER A 251 -26.38 10.79 -7.48
N ALA A 252 -27.00 11.45 -8.45
CA ALA A 252 -27.03 12.91 -8.52
C ALA A 252 -28.31 13.35 -9.23
N PRO A 253 -28.76 14.57 -8.98
CA PRO A 253 -29.92 15.07 -9.70
C PRO A 253 -29.72 14.91 -11.20
N THR A 254 -30.66 14.22 -11.84
CA THR A 254 -30.57 13.96 -13.28
C THR A 254 -31.73 14.60 -14.07
N PRO A 255 -31.43 15.60 -14.90
CA PRO A 255 -32.45 16.57 -15.33
C PRO A 255 -33.33 15.99 -16.44
N GLU A 256 -33.05 14.76 -16.84
CA GLU A 256 -33.81 14.09 -17.90
C GLU A 256 -34.78 13.10 -17.29
N TYR A 257 -34.94 13.22 -15.98
CA TYR A 257 -35.77 12.34 -15.16
C TYR A 257 -36.35 13.13 -14.01
N GLY A 258 -35.79 14.32 -13.79
CA GLY A 258 -36.28 15.22 -12.77
C GLY A 258 -35.99 14.77 -11.35
N VAL A 259 -35.20 13.71 -11.20
CA VAL A 259 -34.86 13.17 -9.89
C VAL A 259 -33.37 12.87 -9.78
N SER A 260 -32.92 12.58 -8.56
CA SER A 260 -31.54 12.16 -8.35
C SER A 260 -31.42 10.65 -8.59
N LEU A 261 -30.45 10.28 -9.41
CA LEU A 261 -30.39 8.95 -10.00
C LEU A 261 -28.94 8.46 -10.01
N SER A 262 -28.74 7.15 -10.10
CA SER A 262 -27.41 6.64 -10.37
C SER A 262 -27.20 6.43 -11.87
N LEU A 263 -26.33 7.24 -12.47
CA LEU A 263 -25.77 6.95 -13.78
C LEU A 263 -24.24 6.95 -13.66
N PRO A 264 -23.53 6.39 -14.65
CA PRO A 264 -22.07 6.52 -14.64
C PRO A 264 -21.61 7.97 -14.81
N ARG A 265 -20.80 8.45 -13.87
CA ARG A 265 -20.35 9.84 -13.86
C ARG A 265 -18.87 9.92 -13.56
N VAL A 266 -18.17 10.78 -14.29
CA VAL A 266 -16.77 11.03 -14.04
C VAL A 266 -16.64 11.84 -12.75
N VAL A 267 -15.90 11.34 -11.77
CA VAL A 267 -15.84 11.98 -10.47
C VAL A 267 -14.42 12.40 -10.13
N GLY A 268 -14.28 13.63 -9.64
CA GLY A 268 -12.97 14.17 -9.34
C GLY A 268 -12.99 15.00 -8.08
N ARG A 269 -12.06 15.95 -7.98
CA ARG A 269 -11.94 16.79 -6.80
C ARG A 269 -13.11 17.75 -6.72
N GLN A 270 -13.63 18.15 -7.86
CA GLN A 270 -14.80 19.02 -7.88
C GLN A 270 -16.13 18.26 -7.98
N GLY A 271 -16.10 17.00 -7.55
CA GLY A 271 -17.29 16.14 -7.63
C GLY A 271 -17.52 15.61 -9.03
N VAL A 272 -18.80 15.60 -9.43
CA VAL A 272 -19.21 15.10 -10.73
C VAL A 272 -18.81 16.08 -11.82
N LEU A 273 -17.90 15.66 -12.71
CA LEU A 273 -17.44 16.52 -13.80
C LEU A 273 -18.28 16.34 -15.04
N SER A 274 -18.83 15.15 -15.20
CA SER A 274 -19.76 14.89 -16.29
C SER A 274 -20.60 13.65 -16.04
N THR A 275 -21.61 13.45 -16.90
CA THR A 275 -22.50 12.29 -16.80
C THR A 275 -22.57 11.54 -18.12
N LEU A 276 -22.33 10.23 -18.08
CA LEU A 276 -22.26 9.42 -19.28
C LEU A 276 -23.55 8.64 -19.39
N HIS A 277 -24.46 9.09 -20.23
CA HIS A 277 -25.73 8.40 -20.37
C HIS A 277 -25.53 7.16 -21.25
N PRO A 278 -25.68 5.97 -20.66
CA PRO A 278 -25.40 4.75 -21.42
C PRO A 278 -26.51 4.45 -22.43
N LYS A 279 -26.14 3.83 -23.56
CA LYS A 279 -27.12 3.37 -24.53
C LYS A 279 -27.74 2.07 -24.05
N LEU A 280 -29.03 2.12 -23.69
CA LEU A 280 -29.72 0.94 -23.17
C LEU A 280 -30.69 0.35 -24.20
N THR A 281 -31.05 -0.91 -24.02
CA THR A 281 -32.15 -1.49 -24.79
C THR A 281 -33.44 -0.81 -24.38
N GLY A 282 -34.45 -0.88 -25.24
CA GLY A 282 -35.75 -0.34 -24.90
C GLY A 282 -36.23 -0.88 -23.58
N ASP A 283 -36.06 -2.18 -23.35
CA ASP A 283 -36.51 -2.75 -22.08
C ASP A 283 -35.68 -2.25 -20.92
N GLU A 284 -34.42 -1.92 -21.18
CA GLU A 284 -33.54 -1.38 -20.15
C GLU A 284 -33.94 0.05 -19.79
N GLN A 285 -34.03 0.91 -20.79
CA GLN A 285 -34.46 2.28 -20.57
C GLN A 285 -35.87 2.28 -19.99
N GLN A 286 -36.61 1.20 -20.26
CA GLN A 286 -37.96 1.02 -19.73
C GLN A 286 -37.97 1.11 -18.20
N LYS A 287 -37.29 0.17 -17.56
CA LYS A 287 -37.27 0.09 -16.10
C LYS A 287 -36.72 1.40 -15.53
N LEU A 288 -35.78 1.99 -16.25
CA LEU A 288 -35.11 3.19 -15.76
C LEU A 288 -36.12 4.31 -15.58
N GLU A 289 -36.68 4.76 -16.70
CA GLU A 289 -37.68 5.82 -16.70
C GLU A 289 -38.82 5.47 -15.75
N GLN A 290 -39.15 4.18 -15.69
CA GLN A 290 -40.17 3.74 -14.76
C GLN A 290 -39.79 4.17 -13.35
N SER A 291 -38.60 3.75 -12.92
CA SER A 291 -38.13 4.05 -11.58
C SER A 291 -38.07 5.56 -11.34
N ALA A 292 -37.68 6.30 -12.38
CA ALA A 292 -37.59 7.75 -12.28
C ALA A 292 -38.85 8.32 -11.61
N GLY A 293 -40.01 7.95 -12.14
CA GLY A 293 -41.25 8.45 -11.59
C GLY A 293 -41.52 7.95 -10.16
N VAL A 294 -41.35 6.65 -9.93
CA VAL A 294 -41.51 6.10 -8.59
C VAL A 294 -40.64 6.90 -7.63
N LEU A 295 -39.83 7.80 -8.18
CA LEU A 295 -38.95 8.65 -7.39
C LEU A 295 -39.62 9.99 -7.10
N ARG A 296 -40.14 10.63 -8.15
CA ARG A 296 -40.83 11.92 -7.98
C ARG A 296 -41.68 11.97 -6.71
N GLY A 297 -41.98 10.80 -6.13
CA GLY A 297 -42.52 10.80 -4.77
C GLY A 297 -41.88 9.72 -3.88
N MET B 1 -0.01 -16.97 0.13
CA MET B 1 -0.22 -16.71 1.57
C MET B 1 -1.71 -16.85 1.87
N LYS B 2 -2.05 -17.90 2.60
CA LYS B 2 -3.44 -18.23 2.84
C LYS B 2 -3.75 -18.16 4.33
N VAL B 3 -4.86 -17.51 4.68
CA VAL B 3 -5.26 -17.35 6.08
C VAL B 3 -6.71 -17.81 6.27
N GLY B 4 -6.97 -18.44 7.41
CA GLY B 4 -8.33 -18.82 7.74
C GLY B 4 -8.74 -18.19 9.06
N VAL B 5 -10.00 -17.77 9.17
CA VAL B 5 -10.48 -17.34 10.47
C VAL B 5 -11.70 -18.17 10.89
N VAL B 6 -11.63 -18.71 12.10
CA VAL B 6 -12.64 -19.63 12.60
C VAL B 6 -13.51 -18.93 13.64
N GLY B 7 -14.81 -18.87 13.36
CA GLY B 7 -15.70 -17.99 14.10
C GLY B 7 -15.78 -16.61 13.45
N THR B 8 -16.87 -16.30 12.77
CA THR B 8 -17.00 -15.03 12.07
C THR B 8 -17.82 -14.00 12.86
N GLY B 9 -17.75 -14.07 14.18
CA GLY B 9 -18.22 -12.97 15.00
C GLY B 9 -17.56 -11.67 14.58
N PHE B 10 -17.66 -10.64 15.42
CA PHE B 10 -17.17 -9.32 15.06
C PHE B 10 -15.64 -9.26 14.90
N VAL B 11 -14.92 -9.90 15.80
CA VAL B 11 -13.46 -9.87 15.77
C VAL B 11 -12.93 -10.56 14.53
N GLY B 12 -13.46 -11.74 14.25
CA GLY B 12 -13.02 -12.49 13.09
C GLY B 12 -13.20 -11.72 11.80
N SER B 13 -14.35 -11.08 11.64
CA SER B 13 -14.67 -10.44 10.37
C SER B 13 -13.99 -9.09 10.23
N THR B 14 -13.75 -8.42 11.35
CA THR B 14 -13.01 -7.14 11.33
C THR B 14 -11.55 -7.42 10.99
N ALA B 15 -11.04 -8.53 11.49
CA ALA B 15 -9.69 -8.97 11.19
C ALA B 15 -9.61 -9.36 9.71
N ALA B 16 -10.62 -10.10 9.24
CA ALA B 16 -10.64 -10.49 7.84
C ALA B 16 -10.71 -9.28 6.93
N PHE B 17 -11.47 -8.26 7.32
CA PHE B 17 -11.61 -7.04 6.51
C PHE B 17 -10.25 -6.36 6.49
N ALA B 18 -9.59 -6.32 7.65
CA ALA B 18 -8.31 -5.62 7.77
C ALA B 18 -7.26 -6.31 6.91
N LEU B 19 -7.26 -7.63 6.99
CA LEU B 19 -6.35 -8.42 6.18
C LEU B 19 -6.56 -8.12 4.71
N VAL B 20 -7.82 -7.95 4.31
CA VAL B 20 -8.13 -7.77 2.90
C VAL B 20 -7.74 -6.38 2.38
N LEU B 21 -8.19 -5.35 3.06
CA LEU B 21 -7.91 -3.99 2.64
C LEU B 21 -6.41 -3.74 2.60
N ARG B 22 -5.67 -4.58 3.31
CA ARG B 22 -4.25 -4.36 3.50
C ARG B 22 -3.47 -5.23 2.53
N GLY B 23 -4.14 -6.21 1.94
CA GLY B 23 -3.47 -7.13 1.05
C GLY B 23 -2.48 -8.02 1.77
N SER B 24 -2.82 -8.42 2.99
CA SER B 24 -1.91 -9.21 3.80
C SER B 24 -1.73 -10.61 3.25
N CYS B 25 -2.76 -11.13 2.59
CA CYS B 25 -2.68 -12.48 2.04
C CYS B 25 -3.40 -12.58 0.69
N SER B 26 -3.18 -13.69 -0.01
CA SER B 26 -3.84 -13.87 -1.29
C SER B 26 -5.04 -14.83 -1.26
N GLU B 27 -5.19 -15.59 -0.18
CA GLU B 27 -6.38 -16.42 0.04
C GLU B 27 -6.87 -16.26 1.48
N LEU B 28 -8.17 -16.11 1.67
CA LEU B 28 -8.71 -15.95 3.02
C LEU B 28 -10.00 -16.74 3.13
N VAL B 29 -10.06 -17.66 4.09
CA VAL B 29 -11.20 -18.55 4.24
C VAL B 29 -11.88 -18.28 5.57
N LEU B 30 -13.19 -18.04 5.52
CA LEU B 30 -13.98 -17.89 6.74
C LEU B 30 -14.71 -19.20 7.06
N VAL B 31 -14.59 -19.63 8.31
CA VAL B 31 -15.11 -20.92 8.73
C VAL B 31 -15.90 -20.80 10.03
N ASP B 32 -17.19 -21.10 9.97
CA ASP B 32 -18.03 -20.92 11.14
C ASP B 32 -19.12 -21.99 11.23
N ARG B 33 -19.48 -22.32 12.46
CA ARG B 33 -20.64 -23.17 12.74
C ARG B 33 -21.90 -22.65 12.07
N ASP B 34 -22.10 -21.33 12.10
CA ASP B 34 -23.25 -20.70 11.44
C ASP B 34 -22.90 -20.38 10.00
N GLU B 35 -22.73 -21.44 9.20
CA GLU B 35 -22.35 -21.30 7.79
C GLU B 35 -22.88 -20.03 7.14
N ASP B 36 -24.19 -19.81 7.23
CA ASP B 36 -24.80 -18.65 6.57
C ASP B 36 -24.09 -17.34 6.88
N ARG B 37 -23.85 -17.09 8.16
CA ARG B 37 -23.13 -15.90 8.61
C ARG B 37 -21.78 -15.83 7.88
N ALA B 38 -21.07 -16.96 7.88
CA ALA B 38 -19.79 -17.09 7.20
C ALA B 38 -19.93 -16.77 5.73
N GLN B 39 -20.95 -17.33 5.09
CA GLN B 39 -21.24 -17.07 3.69
C GLN B 39 -21.32 -15.57 3.43
N ALA B 40 -22.07 -14.89 4.29
CA ALA B 40 -22.49 -13.52 4.05
C ALA B 40 -21.31 -12.58 4.24
N GLU B 41 -20.52 -12.85 5.27
CA GLU B 41 -19.34 -12.05 5.56
C GLU B 41 -18.32 -12.20 4.45
N ALA B 42 -18.09 -13.43 4.01
CA ALA B 42 -17.12 -13.70 2.96
C ALA B 42 -17.47 -12.95 1.70
N GLU B 43 -18.73 -13.02 1.30
CA GLU B 43 -19.16 -12.39 0.06
C GLU B 43 -19.14 -10.86 0.16
N ASP B 44 -19.36 -10.33 1.35
CA ASP B 44 -19.38 -8.88 1.55
C ASP B 44 -17.96 -8.34 1.53
N ILE B 45 -17.04 -9.10 2.14
CA ILE B 45 -15.64 -8.72 2.23
C ILE B 45 -14.91 -8.90 0.91
N ALA B 46 -15.33 -9.86 0.13
CA ALA B 46 -14.81 -10.04 -1.18
C ALA B 46 -14.82 -8.77 -2.01
N HIS B 47 -16.02 -8.22 -2.20
CA HIS B 47 -16.18 -6.98 -2.97
C HIS B 47 -15.55 -5.80 -2.24
N ALA B 48 -14.26 -5.92 -1.93
CA ALA B 48 -13.55 -4.86 -1.23
C ALA B 48 -12.08 -4.90 -1.64
N ALA B 49 -11.63 -6.07 -2.09
CA ALA B 49 -10.22 -6.34 -2.31
C ALA B 49 -9.54 -5.20 -3.05
N PRO B 50 -8.30 -4.91 -2.67
CA PRO B 50 -7.53 -3.83 -3.31
C PRO B 50 -6.96 -4.26 -4.64
N VAL B 51 -7.36 -3.58 -5.72
CA VAL B 51 -6.87 -3.91 -7.05
C VAL B 51 -5.40 -4.30 -7.08
N SER B 52 -4.57 -3.47 -6.45
CA SER B 52 -3.12 -3.61 -6.50
C SER B 52 -2.69 -4.95 -5.94
N HIS B 53 -3.61 -5.61 -5.24
CA HIS B 53 -3.33 -6.88 -4.57
C HIS B 53 -4.61 -7.57 -4.10
N GLY B 54 -5.29 -8.24 -5.02
CA GLY B 54 -6.55 -8.87 -4.69
C GLY B 54 -6.40 -10.08 -3.79
N THR B 55 -7.53 -10.53 -3.25
CA THR B 55 -7.55 -11.68 -2.35
C THR B 55 -8.78 -12.49 -2.65
N ARG B 56 -8.63 -13.72 -3.08
CA ARG B 56 -9.72 -14.66 -3.06
C ARG B 56 -10.30 -14.81 -1.66
N VAL B 57 -11.56 -14.49 -1.49
CA VAL B 57 -12.21 -14.73 -0.20
C VAL B 57 -13.37 -15.70 -0.36
N TRP B 58 -13.52 -16.60 0.60
CA TRP B 58 -14.67 -17.49 0.61
C TRP B 58 -14.90 -18.12 1.98
N HIS B 59 -16.03 -18.77 2.13
CA HIS B 59 -16.36 -19.47 3.36
C HIS B 59 -16.27 -20.96 3.06
N GLY B 60 -16.17 -21.77 4.12
CA GLY B 60 -16.14 -23.20 3.96
C GLY B 60 -16.11 -23.89 5.30
N GLY B 61 -16.03 -25.22 5.29
CA GLY B 61 -15.88 -25.96 6.54
C GLY B 61 -14.42 -26.10 6.89
N HIS B 62 -14.14 -26.78 7.99
CA HIS B 62 -12.77 -26.87 8.49
C HIS B 62 -11.82 -27.41 7.46
N SER B 63 -12.29 -28.27 6.56
CA SER B 63 -11.42 -28.87 5.57
C SER B 63 -10.81 -27.82 4.62
N GLU B 64 -11.46 -26.65 4.53
CA GLU B 64 -10.97 -25.57 3.66
C GLU B 64 -9.71 -24.89 4.19
N LEU B 65 -9.40 -25.11 5.47
CA LEU B 65 -8.21 -24.51 6.06
C LEU B 65 -6.95 -25.14 5.50
N ALA B 66 -7.15 -26.19 4.71
CA ALA B 66 -6.06 -26.84 3.96
C ALA B 66 -4.99 -25.83 3.54
N ASP B 67 -3.78 -26.02 4.06
CA ASP B 67 -2.61 -25.23 3.68
C ASP B 67 -2.55 -23.80 4.22
N ALA B 68 -3.43 -23.47 5.16
CA ALA B 68 -3.36 -22.17 5.80
C ALA B 68 -2.00 -22.00 6.47
N GLN B 69 -1.35 -20.87 6.24
CA GLN B 69 -0.16 -20.53 7.00
C GLN B 69 -0.55 -20.08 8.40
N VAL B 70 -1.65 -19.33 8.49
CA VAL B 70 -2.12 -18.88 9.79
C VAL B 70 -3.61 -19.17 9.89
N VAL B 71 -4.04 -19.66 11.04
CA VAL B 71 -5.46 -19.72 11.35
C VAL B 71 -5.75 -18.90 12.60
N ILE B 72 -6.66 -17.95 12.45
CA ILE B 72 -7.05 -17.06 13.55
C ILE B 72 -8.31 -17.63 14.18
N LEU B 73 -8.20 -18.01 15.44
CA LEU B 73 -9.29 -18.67 16.15
C LEU B 73 -10.02 -17.61 16.98
N THR B 74 -11.16 -17.15 16.48
CA THR B 74 -11.89 -16.11 17.18
C THR B 74 -13.17 -16.64 17.84
N ALA B 75 -13.42 -17.95 17.70
CA ALA B 75 -14.66 -18.53 18.18
C ALA B 75 -14.79 -18.39 19.70
N GLY B 76 -15.98 -18.04 20.16
CA GLY B 76 -16.20 -17.85 21.58
C GLY B 76 -17.66 -17.62 21.91
N ALA B 77 -18.02 -17.80 23.17
CA ALA B 77 -19.41 -17.66 23.59
C ALA B 77 -19.69 -16.24 24.11
N GLU B 83 -22.87 -13.06 34.29
CA GLU B 83 -22.20 -14.32 34.05
C GLU B 83 -20.71 -14.15 34.33
N SER B 84 -20.16 -15.04 35.14
CA SER B 84 -18.78 -14.90 35.65
C SER B 84 -17.76 -15.18 34.55
N ARG B 85 -16.65 -14.45 34.60
CA ARG B 85 -15.57 -14.67 33.65
C ARG B 85 -15.32 -16.16 33.62
N LEU B 86 -15.49 -16.79 34.78
CA LEU B 86 -15.31 -18.22 34.91
C LEU B 86 -16.27 -19.09 34.11
N ASP B 87 -17.55 -18.74 33.91
CA ASP B 87 -18.24 -19.58 32.94
C ASP B 87 -18.18 -19.11 31.50
N LEU B 88 -17.65 -17.92 31.23
CA LEU B 88 -17.18 -17.65 29.88
C LEU B 88 -15.99 -18.58 29.62
N LEU B 89 -15.09 -18.67 30.59
CA LEU B 89 -13.93 -19.54 30.47
C LEU B 89 -14.32 -20.98 30.14
N GLU B 90 -15.21 -21.60 30.90
CA GLU B 90 -15.45 -23.00 30.57
C GLU B 90 -16.48 -23.31 29.50
N LYS B 91 -17.25 -22.32 29.07
CA LYS B 91 -17.98 -22.47 27.80
C LYS B 91 -16.98 -22.57 26.65
N ASN B 92 -16.11 -21.57 26.56
CA ASN B 92 -15.15 -21.46 25.48
C ASN B 92 -14.15 -22.62 25.44
N ALA B 93 -13.78 -23.13 26.61
CA ALA B 93 -12.94 -24.32 26.68
C ALA B 93 -13.62 -25.47 25.97
N ASP B 94 -14.94 -25.59 26.15
CA ASP B 94 -15.71 -26.63 25.48
C ASP B 94 -15.70 -26.43 23.98
N ILE B 95 -15.99 -25.20 23.54
CA ILE B 95 -15.92 -24.85 22.13
C ILE B 95 -14.54 -25.15 21.55
N PHE B 96 -13.50 -24.81 22.30
CA PHE B 96 -12.13 -25.03 21.87
C PHE B 96 -11.80 -26.51 21.69
N ARG B 97 -12.21 -27.32 22.65
CA ARG B 97 -11.97 -28.76 22.57
C ARG B 97 -12.62 -29.38 21.35
N GLU B 98 -13.67 -28.73 20.83
CA GLU B 98 -14.34 -29.18 19.62
C GLU B 98 -13.59 -28.72 18.38
N LEU B 99 -13.19 -27.45 18.37
CA LEU B 99 -12.67 -26.82 17.17
C LEU B 99 -11.20 -27.12 16.89
N VAL B 100 -10.35 -26.93 17.90
CA VAL B 100 -8.91 -26.97 17.72
C VAL B 100 -8.49 -28.27 17.04
N PRO B 101 -9.03 -29.42 17.48
CA PRO B 101 -8.68 -30.64 16.77
C PRO B 101 -9.15 -30.67 15.32
N GLN B 102 -10.27 -30.03 15.03
CA GLN B 102 -10.74 -29.93 13.66
C GLN B 102 -9.74 -29.09 12.84
N ILE B 103 -9.23 -28.03 13.47
CA ILE B 103 -8.25 -27.16 12.83
C ILE B 103 -6.96 -27.92 12.57
N THR B 104 -6.45 -28.60 13.59
CA THR B 104 -5.20 -29.35 13.47
C THR B 104 -5.33 -30.44 12.41
N ARG B 105 -6.53 -31.00 12.29
CA ARG B 105 -6.81 -32.04 11.31
C ARG B 105 -6.60 -31.51 9.88
N ALA B 106 -7.09 -30.29 9.61
CA ALA B 106 -7.00 -29.75 8.27
C ALA B 106 -5.69 -28.97 8.01
N ALA B 107 -5.28 -28.19 9.00
CA ALA B 107 -4.08 -27.38 8.88
C ALA B 107 -3.12 -27.69 10.02
N PRO B 108 -2.47 -28.86 9.95
CA PRO B 108 -1.57 -29.31 11.03
C PRO B 108 -0.37 -28.41 11.22
N ASP B 109 0.03 -27.71 10.17
CA ASP B 109 1.23 -26.88 10.22
C ASP B 109 0.95 -25.38 10.36
N ALA B 110 -0.32 -24.99 10.38
CA ALA B 110 -0.65 -23.58 10.46
C ALA B 110 -0.31 -23.04 11.85
N VAL B 111 0.08 -21.77 11.90
CA VAL B 111 0.28 -21.11 13.16
C VAL B 111 -1.08 -20.75 13.68
N LEU B 112 -1.37 -21.12 14.92
CA LEU B 112 -2.67 -20.86 15.50
C LEU B 112 -2.67 -19.56 16.29
N LEU B 113 -3.52 -18.63 15.88
CA LEU B 113 -3.58 -17.33 16.52
C LEU B 113 -4.88 -17.24 17.32
N VAL B 114 -4.77 -17.37 18.63
CA VAL B 114 -5.93 -17.40 19.52
C VAL B 114 -6.28 -16.00 19.99
N THR B 115 -7.57 -15.65 19.92
CA THR B 115 -8.01 -14.32 20.31
C THR B 115 -9.19 -14.31 21.27
N SER B 116 -9.92 -15.42 21.35
CA SER B 116 -11.08 -15.51 22.24
C SER B 116 -10.67 -15.16 23.67
N ASN B 117 -11.61 -14.63 24.45
CA ASN B 117 -11.38 -14.37 25.86
C ASN B 117 -11.83 -15.55 26.74
N PRO B 118 -11.16 -15.79 27.89
CA PRO B 118 -9.89 -15.19 28.29
C PRO B 118 -8.80 -15.73 27.36
N VAL B 119 -8.02 -14.84 26.76
CA VAL B 119 -7.08 -15.27 25.73
C VAL B 119 -5.90 -16.05 26.31
N ASP B 120 -5.44 -15.67 27.49
CA ASP B 120 -4.24 -16.27 28.04
C ASP B 120 -4.50 -17.74 28.36
N LEU B 121 -5.60 -17.99 29.07
CA LEU B 121 -5.92 -19.34 29.47
C LEU B 121 -6.36 -20.18 28.29
N LEU B 122 -7.07 -19.56 27.35
CA LEU B 122 -7.49 -20.30 26.17
C LEU B 122 -6.29 -20.60 25.26
N THR B 123 -5.26 -19.77 25.30
CA THR B 123 -4.04 -20.06 24.55
C THR B 123 -3.33 -21.27 25.16
N ASP B 124 -3.37 -21.36 26.48
CA ASP B 124 -2.86 -22.53 27.20
C ASP B 124 -3.64 -23.78 26.78
N LEU B 125 -4.96 -23.69 26.77
CA LEU B 125 -5.79 -24.81 26.36
C LEU B 125 -5.45 -25.22 24.93
N ALA B 126 -5.36 -24.23 24.04
CA ALA B 126 -5.18 -24.52 22.62
C ALA B 126 -3.83 -25.18 22.39
N THR B 127 -2.87 -24.81 23.23
CA THR B 127 -1.52 -25.33 23.16
C THR B 127 -1.50 -26.82 23.45
N GLN B 128 -2.26 -27.24 24.46
CA GLN B 128 -2.32 -28.64 24.83
C GLN B 128 -3.18 -29.46 23.86
N LEU B 129 -4.18 -28.81 23.26
CA LEU B 129 -5.01 -29.47 22.28
C LEU B 129 -4.27 -29.58 20.96
N ALA B 130 -3.25 -28.75 20.82
CA ALA B 130 -2.42 -28.74 19.62
C ALA B 130 -0.94 -28.65 19.98
N PRO B 131 -0.36 -29.76 20.46
CA PRO B 131 1.04 -29.83 20.89
C PRO B 131 2.06 -29.64 19.77
N GLY B 132 1.72 -30.09 18.56
CA GLY B 132 2.68 -30.10 17.47
C GLY B 132 2.59 -28.92 16.51
N GLN B 133 2.11 -27.78 17.01
CA GLN B 133 1.78 -26.64 16.18
C GLN B 133 2.18 -25.36 16.94
N PRO B 134 2.61 -24.32 16.24
CA PRO B 134 2.82 -23.06 16.95
C PRO B 134 1.48 -22.51 17.40
N VAL B 135 1.35 -22.18 18.67
CA VAL B 135 0.12 -21.56 19.14
C VAL B 135 0.43 -20.24 19.85
N ILE B 136 -0.29 -19.19 19.44
CA ILE B 136 -0.05 -17.85 19.92
C ILE B 136 -1.37 -17.17 20.28
N GLY B 137 -1.38 -16.46 21.41
CA GLY B 137 -2.53 -15.62 21.75
C GLY B 137 -2.26 -14.16 21.42
N SER B 138 -3.29 -13.46 20.96
CA SER B 138 -3.18 -12.03 20.69
C SER B 138 -2.77 -11.27 21.95
N GLY B 139 -3.09 -11.81 23.12
CA GLY B 139 -2.58 -11.22 24.35
C GLY B 139 -2.71 -9.71 24.44
N THR B 140 -1.61 -9.03 24.72
CA THR B 140 -1.65 -7.59 24.99
C THR B 140 -1.19 -6.75 23.80
N VAL B 141 -1.03 -7.39 22.64
CA VAL B 141 -0.54 -6.69 21.45
C VAL B 141 -1.19 -5.33 21.22
N LEU B 142 -2.52 -5.29 21.22
CA LEU B 142 -3.23 -4.02 21.00
C LEU B 142 -2.92 -3.01 22.12
N ASP B 143 -2.96 -3.47 23.36
CA ASP B 143 -2.71 -2.58 24.51
C ASP B 143 -1.30 -2.00 24.48
N SER B 144 -0.31 -2.80 24.06
CA SER B 144 1.05 -2.29 23.93
C SER B 144 1.04 -1.21 22.84
N ALA B 145 0.24 -1.45 21.81
CA ALA B 145 0.14 -0.52 20.70
C ALA B 145 -0.51 0.79 21.14
N ARG B 146 -1.45 0.70 22.07
CA ARG B 146 -2.12 1.88 22.61
C ARG B 146 -1.16 2.62 23.53
N PHE B 147 -0.45 1.87 24.36
CA PHE B 147 0.51 2.44 25.27
C PHE B 147 1.50 3.32 24.51
N ARG B 148 1.99 2.81 23.39
CA ARG B 148 2.97 3.53 22.58
C ARG B 148 2.31 4.73 21.90
N HIS B 149 1.11 4.51 21.36
CA HIS B 149 0.39 5.55 20.63
C HIS B 149 0.16 6.78 21.52
N LEU B 150 -0.28 6.54 22.74
CA LEU B 150 -0.53 7.62 23.68
C LEU B 150 0.75 8.35 24.09
N MET B 151 1.80 7.60 24.35
CA MET B 151 3.08 8.22 24.70
C MET B 151 3.57 9.11 23.57
N ALA B 152 3.45 8.62 22.34
CA ALA B 152 3.96 9.32 21.17
C ALA B 152 3.11 10.55 20.95
N GLN B 153 1.81 10.38 21.17
CA GLN B 153 0.88 11.49 20.99
C GLN B 153 1.27 12.62 21.91
N HIS B 154 1.63 12.29 23.15
CA HIS B 154 1.98 13.28 24.15
C HIS B 154 3.37 13.86 23.89
N ALA B 155 4.22 13.08 23.22
CA ALA B 155 5.58 13.53 22.95
C ALA B 155 5.64 14.36 21.67
N GLY B 156 4.56 14.34 20.90
CA GLY B 156 4.51 15.09 19.66
C GLY B 156 5.35 14.47 18.56
N VAL B 157 5.51 13.14 18.61
CA VAL B 157 6.25 12.43 17.57
C VAL B 157 5.46 11.25 17.06
N ASP B 158 5.77 10.84 15.83
CA ASP B 158 5.12 9.67 15.23
C ASP B 158 5.31 8.41 16.07
N GLY B 159 4.32 7.52 16.02
CA GLY B 159 4.32 6.33 16.88
C GLY B 159 5.50 5.37 16.75
N THR B 160 6.13 5.29 15.59
CA THR B 160 7.25 4.38 15.45
C THR B 160 8.41 4.78 16.37
N HIS B 161 8.47 6.05 16.76
CA HIS B 161 9.50 6.50 17.69
C HIS B 161 9.20 6.23 19.17
N ALA B 162 8.07 5.58 19.46
CA ALA B 162 7.75 5.21 20.84
C ALA B 162 7.91 3.71 21.08
N HIS B 163 8.50 3.37 22.22
CA HIS B 163 8.70 1.99 22.60
C HIS B 163 8.11 1.78 24.00
N GLY B 164 7.41 0.66 24.16
CA GLY B 164 6.81 0.34 25.44
C GLY B 164 6.05 -0.96 25.34
N TYR B 165 5.95 -1.68 26.45
CA TYR B 165 5.27 -2.97 26.48
C TYR B 165 4.18 -2.96 27.54
N VAL B 166 3.05 -3.56 27.22
CA VAL B 166 2.10 -3.99 28.24
C VAL B 166 2.27 -5.49 28.41
N LEU B 167 2.46 -5.93 29.66
CA LEU B 167 2.86 -7.31 29.95
C LEU B 167 1.80 -8.08 30.75
N GLY B 168 1.90 -9.40 30.73
CA GLY B 168 1.12 -10.20 31.65
C GLY B 168 -0.26 -10.59 31.15
N GLU B 169 -1.23 -10.60 32.07
CA GLU B 169 -2.60 -11.02 31.77
C GLU B 169 -3.34 -9.93 31.00
N HIS B 170 -4.03 -10.32 29.95
CA HIS B 170 -4.82 -9.38 29.17
C HIS B 170 -6.04 -8.99 29.97
N GLY B 171 -6.12 -7.72 30.36
CA GLY B 171 -7.19 -7.31 31.25
C GLY B 171 -6.75 -6.30 32.30
N ASP B 172 -7.56 -6.15 33.34
CA ASP B 172 -7.31 -5.15 34.37
C ASP B 172 -5.98 -5.42 35.05
N SER B 173 -5.55 -6.67 35.02
CA SER B 173 -4.35 -7.08 35.72
C SER B 173 -3.04 -6.76 34.98
N GLU B 174 -3.15 -6.39 33.70
CA GLU B 174 -1.97 -6.20 32.89
C GLU B 174 -1.06 -5.11 33.44
N VAL B 175 0.23 -5.20 33.12
CA VAL B 175 1.22 -4.29 33.65
C VAL B 175 1.81 -3.41 32.56
N LEU B 176 1.85 -2.12 32.81
CA LEU B 176 2.50 -1.18 31.91
C LEU B 176 3.93 -1.04 32.33
N ALA B 177 4.86 -1.48 31.49
CA ALA B 177 6.27 -1.41 31.85
C ALA B 177 6.80 0.00 31.62
N TRP B 178 6.44 0.92 32.50
CA TRP B 178 6.94 2.28 32.44
C TRP B 178 8.47 2.29 32.45
N SER B 179 9.06 1.38 33.20
CA SER B 179 10.51 1.36 33.41
C SER B 179 11.25 1.26 32.10
N SER B 180 10.58 0.71 31.09
CA SER B 180 11.20 0.48 29.80
C SER B 180 10.60 1.34 28.70
N ALA B 181 9.69 2.25 29.06
CA ALA B 181 9.06 3.13 28.09
C ALA B 181 10.08 4.12 27.54
N MET B 182 10.07 4.30 26.22
CA MET B 182 11.14 5.03 25.53
C MET B 182 10.59 5.83 24.33
N VAL B 183 11.10 7.04 24.12
CA VAL B 183 10.72 7.82 22.96
C VAL B 183 11.98 8.39 22.33
N ALA B 184 12.10 8.23 21.02
CA ALA B 184 13.31 8.60 20.27
C ALA B 184 14.60 8.17 20.96
N GLY B 185 14.60 6.95 21.50
CA GLY B 185 15.83 6.36 22.01
C GLY B 185 16.23 6.79 23.40
N MET B 186 15.36 7.57 24.05
CA MET B 186 15.54 8.00 25.43
C MET B 186 14.43 7.42 26.27
N PRO B 187 14.69 7.23 27.57
CA PRO B 187 13.61 7.01 28.55
C PRO B 187 12.63 8.15 28.44
N VAL B 188 11.34 7.85 28.49
CA VAL B 188 10.32 8.85 28.25
C VAL B 188 10.50 10.14 29.09
N ALA B 189 10.62 10.01 30.42
CA ALA B 189 10.87 11.16 31.29
C ALA B 189 11.95 12.04 30.68
N ASP B 190 13.02 11.42 30.23
CA ASP B 190 14.14 12.14 29.65
C ASP B 190 13.80 12.85 28.33
N PHE B 191 12.89 12.28 27.55
CA PHE B 191 12.50 12.94 26.31
C PHE B 191 11.61 14.11 26.64
N MET B 192 10.67 13.91 27.57
CA MET B 192 9.73 14.95 27.95
C MET B 192 10.46 16.17 28.50
N GLN B 193 11.46 15.92 29.34
CA GLN B 193 12.27 16.99 29.92
C GLN B 193 12.98 17.78 28.85
N ALA B 194 13.62 17.07 27.92
CA ALA B 194 14.40 17.75 26.89
C ALA B 194 13.51 18.58 26.00
N GLN B 195 12.22 18.23 25.97
CA GLN B 195 11.28 18.94 25.12
C GLN B 195 10.38 19.86 25.94
N ASN B 196 10.69 19.99 27.23
CA ASN B 196 9.90 20.86 28.09
C ASN B 196 8.42 20.54 27.97
N LEU B 197 8.11 19.26 27.96
CA LEU B 197 6.73 18.81 27.94
C LEU B 197 6.38 18.30 29.31
N PRO B 198 5.13 18.47 29.72
CA PRO B 198 4.72 17.98 31.04
C PRO B 198 4.76 16.47 31.19
N TRP B 199 5.45 16.00 32.24
CA TRP B 199 5.49 14.58 32.55
C TRP B 199 5.44 14.38 34.06
N ASN B 200 4.51 13.54 34.50
CA ASN B 200 4.28 13.35 35.93
C ASN B 200 3.29 12.23 36.15
N GLU B 201 2.94 11.97 37.40
CA GLU B 201 2.06 10.87 37.74
C GLU B 201 0.65 11.02 37.17
N GLN B 202 0.23 12.26 36.93
CA GLN B 202 -1.10 12.52 36.42
C GLN B 202 -1.19 12.19 34.94
N VAL B 203 -0.18 12.63 34.19
CA VAL B 203 -0.12 12.32 32.77
C VAL B 203 -0.04 10.81 32.55
N ARG B 204 0.83 10.15 33.32
CA ARG B 204 0.99 8.71 33.19
C ARG B 204 -0.30 8.00 33.60
N ALA B 205 -0.92 8.48 34.66
CA ALA B 205 -2.17 7.91 35.13
C ALA B 205 -3.21 8.04 34.05
N LYS B 206 -3.15 9.15 33.32
CA LYS B 206 -4.09 9.38 32.24
C LYS B 206 -3.87 8.33 31.17
N ILE B 207 -2.63 8.22 30.70
CA ILE B 207 -2.28 7.22 29.69
C ILE B 207 -2.68 5.84 30.16
N ASP B 208 -2.49 5.58 31.45
CA ASP B 208 -2.81 4.26 32.00
C ASP B 208 -4.28 3.90 31.79
N GLU B 209 -5.18 4.85 32.03
CA GLU B 209 -6.59 4.60 31.82
C GLU B 209 -6.92 4.44 30.34
N GLY B 210 -6.19 5.14 29.49
CA GLY B 210 -6.40 5.00 28.06
C GLY B 210 -5.91 3.67 27.52
N THR B 211 -4.79 3.18 28.03
CA THR B 211 -4.16 1.96 27.45
C THR B 211 -5.12 0.80 27.60
N ARG B 212 -5.77 0.86 28.73
CA ARG B 212 -6.69 -0.13 29.14
C ARG B 212 -8.02 0.07 28.41
N THR B 225 -16.54 -1.67 19.49
CA THR B 225 -15.78 -1.81 18.25
C THR B 225 -14.57 -2.74 18.37
N TYR B 226 -14.20 -3.35 17.26
CA TYR B 226 -13.09 -4.29 17.21
C TYR B 226 -12.10 -3.93 16.13
N TYR B 227 -12.01 -2.64 15.79
CA TYR B 227 -11.11 -2.18 14.76
C TYR B 227 -9.66 -2.30 15.23
N GLY B 228 -9.39 -1.79 16.43
CA GLY B 228 -8.04 -1.87 16.96
C GLY B 228 -7.51 -3.29 16.97
N ILE B 229 -8.32 -4.22 17.46
CA ILE B 229 -7.89 -5.61 17.56
C ILE B 229 -7.86 -6.24 16.17
N GLY B 230 -8.79 -5.82 15.32
CA GLY B 230 -8.78 -6.34 13.97
C GLY B 230 -7.46 -6.03 13.29
N ALA B 231 -7.04 -4.78 13.39
CA ALA B 231 -5.80 -4.37 12.74
C ALA B 231 -4.64 -5.11 13.37
N ALA B 232 -4.65 -5.21 14.70
CA ALA B 232 -3.59 -5.89 15.42
C ALA B 232 -3.45 -7.34 14.98
N LEU B 233 -4.57 -8.05 14.88
CA LEU B 233 -4.55 -9.44 14.45
C LEU B 233 -3.95 -9.58 13.07
N ALA B 234 -4.08 -8.54 12.26
CA ALA B 234 -3.58 -8.61 10.90
C ALA B 234 -2.07 -8.42 10.89
N ARG B 235 -1.57 -7.62 11.82
CA ARG B 235 -0.14 -7.35 11.93
C ARG B 235 0.60 -8.57 12.47
N ILE B 236 -0.04 -9.26 13.41
CA ILE B 236 0.51 -10.50 13.94
C ILE B 236 0.58 -11.52 12.81
N THR B 237 -0.49 -11.57 12.04
CA THR B 237 -0.58 -12.45 10.89
C THR B 237 0.46 -12.12 9.81
N GLU B 238 0.60 -10.84 9.49
CA GLU B 238 1.62 -10.41 8.54
C GLU B 238 3.04 -10.76 9.01
N ALA B 239 3.28 -10.61 10.31
CA ALA B 239 4.59 -10.96 10.87
C ALA B 239 4.91 -12.42 10.57
N VAL B 240 3.91 -13.28 10.65
CA VAL B 240 4.11 -14.68 10.35
C VAL B 240 4.27 -14.85 8.87
N LEU B 241 3.29 -14.39 8.11
CA LEU B 241 3.26 -14.59 6.67
C LEU B 241 4.55 -14.16 5.99
N ARG B 242 5.20 -13.14 6.53
CA ARG B 242 6.40 -12.63 5.92
C ARG B 242 7.65 -12.93 6.76
N ASP B 243 7.63 -14.04 7.47
CA ASP B 243 8.72 -14.37 8.38
C ASP B 243 9.52 -13.26 8.99
N ARG B 244 8.84 -12.37 9.69
CA ARG B 244 9.25 -11.01 9.92
C ARG B 244 10.03 -10.69 11.19
N ARG B 245 10.15 -11.61 12.15
CA ARG B 245 10.79 -11.27 13.42
C ARG B 245 10.46 -9.86 13.95
N ALA B 246 9.17 -9.60 14.10
CA ALA B 246 8.59 -8.45 14.79
C ALA B 246 8.56 -8.72 16.29
N VAL B 247 8.79 -7.68 17.09
CA VAL B 247 8.66 -7.81 18.53
C VAL B 247 7.22 -7.48 18.92
N LEU B 248 6.51 -8.48 19.44
CA LEU B 248 5.11 -8.32 19.75
C LEU B 248 4.86 -8.95 21.11
N THR B 249 4.08 -8.27 21.95
CA THR B 249 3.79 -8.80 23.28
C THR B 249 2.61 -9.75 23.19
N VAL B 250 2.81 -10.89 22.52
CA VAL B 250 1.76 -11.88 22.39
C VAL B 250 1.76 -12.85 23.58
N SER B 251 0.65 -13.54 23.77
CA SER B 251 0.53 -14.52 24.85
C SER B 251 1.04 -15.91 24.46
N ALA B 252 1.89 -16.49 25.30
CA ALA B 252 2.37 -17.86 25.10
C ALA B 252 2.69 -18.48 26.46
N PRO B 253 2.74 -19.82 26.52
CA PRO B 253 3.18 -20.49 27.73
C PRO B 253 4.56 -20.01 28.18
N THR B 254 4.63 -19.51 29.42
CA THR B 254 5.85 -18.91 29.92
C THR B 254 6.31 -19.68 31.16
N PRO B 255 7.25 -20.62 30.98
CA PRO B 255 7.55 -21.58 32.03
C PRO B 255 7.93 -21.00 33.40
N GLU B 256 8.55 -19.81 33.41
CA GLU B 256 8.87 -19.17 34.68
C GLU B 256 7.62 -18.96 35.54
N TYR B 257 6.47 -18.76 34.89
CA TYR B 257 5.25 -18.41 35.59
C TYR B 257 4.22 -19.55 35.60
N GLY B 258 4.48 -20.59 34.82
CA GLY B 258 3.56 -21.73 34.78
C GLY B 258 2.28 -21.47 34.01
N VAL B 259 2.18 -20.31 33.38
CA VAL B 259 0.95 -19.97 32.65
C VAL B 259 1.32 -19.26 31.36
N SER B 260 0.38 -19.24 30.42
CA SER B 260 0.53 -18.43 29.22
C SER B 260 0.37 -16.95 29.57
N LEU B 261 1.27 -16.12 29.07
CA LEU B 261 1.35 -14.72 29.45
C LEU B 261 1.85 -13.90 28.28
N SER B 262 1.61 -12.59 28.33
CA SER B 262 2.14 -11.67 27.34
C SER B 262 3.49 -11.10 27.77
N LEU B 263 4.51 -11.44 27.00
CA LEU B 263 5.82 -10.81 27.12
C LEU B 263 6.24 -10.42 25.70
N PRO B 264 7.27 -9.59 25.57
CA PRO B 264 7.71 -9.34 24.19
C PRO B 264 8.36 -10.57 23.55
N ARG B 265 7.91 -10.93 22.36
CA ARG B 265 8.43 -12.10 21.66
C ARG B 265 8.71 -11.80 20.20
N VAL B 266 9.82 -12.32 19.69
CA VAL B 266 10.10 -12.11 18.29
C VAL B 266 9.25 -13.09 17.49
N VAL B 267 8.46 -12.56 16.57
CA VAL B 267 7.53 -13.40 15.81
C VAL B 267 7.83 -13.46 14.32
N GLY B 268 7.79 -14.67 13.76
CA GLY B 268 8.06 -14.86 12.35
C GLY B 268 7.33 -16.09 11.84
N ARG B 269 7.79 -16.64 10.71
CA ARG B 269 7.07 -17.73 10.03
C ARG B 269 6.80 -18.93 10.92
N GLN B 270 7.72 -19.22 11.83
CA GLN B 270 7.60 -20.39 12.67
C GLN B 270 6.95 -20.06 14.01
N GLY B 271 6.39 -18.85 14.10
CA GLY B 271 5.79 -18.41 15.33
C GLY B 271 6.75 -17.63 16.21
N VAL B 272 6.74 -17.97 17.49
CA VAL B 272 7.58 -17.28 18.48
C VAL B 272 9.00 -17.80 18.34
N LEU B 273 9.93 -16.95 17.93
CA LEU B 273 11.30 -17.40 17.72
C LEU B 273 12.12 -17.26 19.00
N SER B 274 11.81 -16.25 19.80
CA SER B 274 12.45 -16.09 21.08
C SER B 274 11.66 -15.15 21.98
N THR B 275 11.91 -15.24 23.28
CA THR B 275 11.24 -14.40 24.26
C THR B 275 12.24 -13.58 25.08
N LEU B 276 12.09 -12.27 25.03
CA LEU B 276 12.99 -11.37 25.75
C LEU B 276 12.30 -10.74 26.96
N HIS B 277 12.50 -11.32 28.14
CA HIS B 277 11.89 -10.79 29.34
C HIS B 277 12.57 -9.48 29.71
N PRO B 278 11.76 -8.44 29.84
CA PRO B 278 12.24 -7.09 30.18
C PRO B 278 12.72 -7.04 31.61
N LYS B 279 13.62 -6.11 31.87
CA LYS B 279 14.07 -5.85 33.22
C LYS B 279 13.07 -4.90 33.88
N LEU B 280 12.28 -5.42 34.81
CA LEU B 280 11.21 -4.63 35.41
C LEU B 280 11.62 -4.11 36.78
N THR B 281 10.98 -3.02 37.22
CA THR B 281 11.11 -2.60 38.61
C THR B 281 10.54 -3.66 39.54
N GLY B 282 11.02 -3.70 40.78
CA GLY B 282 10.48 -4.61 41.77
C GLY B 282 8.97 -4.56 41.83
N ASP B 283 8.42 -3.36 41.70
CA ASP B 283 6.98 -3.16 41.79
C ASP B 283 6.26 -3.69 40.54
N GLU B 284 6.87 -3.50 39.37
CA GLU B 284 6.31 -4.03 38.12
C GLU B 284 6.40 -5.56 38.10
N GLN B 285 7.55 -6.07 38.50
CA GLN B 285 7.76 -7.52 38.56
C GLN B 285 6.75 -8.15 39.51
N GLN B 286 6.42 -7.43 40.58
CA GLN B 286 5.46 -7.89 41.57
C GLN B 286 4.03 -7.99 41.02
N LYS B 287 3.56 -6.92 40.38
CA LYS B 287 2.24 -6.91 39.76
C LYS B 287 2.15 -8.04 38.76
N LEU B 288 3.26 -8.29 38.06
CA LEU B 288 3.29 -9.29 37.00
C LEU B 288 3.04 -10.67 37.60
N GLU B 289 3.70 -10.95 38.72
CA GLU B 289 3.59 -12.26 39.38
C GLU B 289 2.23 -12.45 40.04
N GLN B 290 1.65 -11.37 40.55
CA GLN B 290 0.29 -11.42 41.07
C GLN B 290 -0.67 -11.68 39.92
N SER B 291 -0.38 -11.09 38.77
CA SER B 291 -1.14 -11.34 37.55
C SER B 291 -1.08 -12.83 37.24
N ALA B 292 0.12 -13.39 37.31
CA ALA B 292 0.33 -14.79 36.96
C ALA B 292 -0.40 -15.68 37.94
N GLY B 293 -0.50 -15.22 39.19
CA GLY B 293 -1.19 -15.99 40.21
C GLY B 293 -2.67 -16.14 39.89
N VAL B 294 -3.30 -15.03 39.54
CA VAL B 294 -4.69 -15.01 39.11
C VAL B 294 -4.93 -16.08 38.04
N LEU B 295 -4.02 -16.15 37.06
CA LEU B 295 -4.18 -17.08 35.95
C LEU B 295 -3.88 -18.52 36.36
N ARG B 296 -2.92 -18.69 37.27
CA ARG B 296 -2.58 -20.01 37.76
C ARG B 296 -3.79 -20.71 38.38
N GLY B 297 -4.52 -19.98 39.22
CA GLY B 297 -5.69 -20.54 39.86
C GLY B 297 -6.66 -21.08 38.83
N PHE B 298 -7.28 -20.17 38.08
CA PHE B 298 -8.24 -20.53 37.05
C PHE B 298 -7.78 -21.71 36.22
N LYS B 299 -6.47 -21.82 36.02
CA LYS B 299 -5.91 -22.84 35.15
C LYS B 299 -6.16 -24.25 35.68
N MET C 1 -2.14 16.72 -2.43
CA MET C 1 -0.69 16.63 -2.14
C MET C 1 0.12 16.69 -3.44
N LYS C 2 0.82 17.80 -3.65
CA LYS C 2 1.59 18.01 -4.87
C LYS C 2 3.09 18.08 -4.57
N VAL C 3 3.88 17.47 -5.44
CA VAL C 3 5.33 17.47 -5.28
C VAL C 3 5.98 17.87 -6.59
N GLY C 4 7.05 18.65 -6.53
CA GLY C 4 7.81 18.93 -7.73
C GLY C 4 9.23 18.46 -7.48
N VAL C 5 9.91 17.97 -8.50
CA VAL C 5 11.32 17.65 -8.38
C VAL C 5 12.07 18.37 -9.49
N VAL C 6 13.12 19.10 -9.10
CA VAL C 6 13.85 19.96 -10.02
C VAL C 6 15.19 19.34 -10.37
N GLY C 7 15.43 19.17 -11.66
CA GLY C 7 16.60 18.43 -12.12
C GLY C 7 16.31 16.95 -12.16
N THR C 8 16.19 16.39 -13.36
CA THR C 8 15.74 15.01 -13.47
C THR C 8 16.88 14.02 -13.71
N GLY C 9 18.02 14.27 -13.09
CA GLY C 9 19.07 13.27 -13.04
C GLY C 9 18.58 12.01 -12.35
N PHE C 10 19.49 11.08 -12.08
CA PHE C 10 19.14 9.80 -11.47
C PHE C 10 18.43 9.92 -10.14
N VAL C 11 18.92 10.79 -9.26
CA VAL C 11 18.33 10.92 -7.94
C VAL C 11 16.90 11.43 -8.01
N GLY C 12 16.67 12.45 -8.81
CA GLY C 12 15.35 13.03 -8.91
C GLY C 12 14.34 12.06 -9.47
N SER C 13 14.73 11.33 -10.51
CA SER C 13 13.78 10.44 -11.14
C SER C 13 13.58 9.18 -10.30
N THR C 14 14.60 8.77 -9.55
CA THR C 14 14.45 7.61 -8.70
C THR C 14 13.54 7.97 -7.55
N ALA C 15 13.69 9.18 -7.02
CA ALA C 15 12.78 9.65 -5.98
C ALA C 15 11.36 9.69 -6.52
N ALA C 16 11.20 10.20 -7.73
CA ALA C 16 9.86 10.40 -8.28
C ALA C 16 9.21 9.02 -8.40
N PHE C 17 9.98 8.07 -8.92
CA PHE C 17 9.51 6.71 -9.09
C PHE C 17 9.01 6.19 -7.76
N ALA C 18 9.81 6.39 -6.73
CA ALA C 18 9.44 5.93 -5.40
C ALA C 18 8.17 6.61 -4.92
N LEU C 19 8.04 7.91 -5.19
CA LEU C 19 6.86 8.64 -4.73
C LEU C 19 5.59 8.07 -5.36
N VAL C 20 5.67 7.78 -6.65
CA VAL C 20 4.52 7.36 -7.43
C VAL C 20 4.15 5.93 -7.07
N LEU C 21 5.17 5.10 -6.90
CA LEU C 21 4.96 3.68 -6.63
C LEU C 21 4.25 3.50 -5.31
N ARG C 22 4.55 4.38 -4.36
CA ARG C 22 3.96 4.29 -3.03
C ARG C 22 2.70 5.15 -2.92
N GLY C 23 2.36 5.85 -3.99
CA GLY C 23 1.24 6.77 -3.94
C GLY C 23 1.41 7.91 -2.93
N SER C 24 2.65 8.39 -2.77
CA SER C 24 2.97 9.38 -1.74
C SER C 24 2.22 10.69 -1.93
N CYS C 25 1.99 11.03 -3.19
CA CYS C 25 1.33 12.26 -3.58
C CYS C 25 0.37 12.02 -4.74
N SER C 26 -0.52 12.96 -4.99
CA SER C 26 -1.47 12.85 -6.06
C SER C 26 -1.06 13.64 -7.29
N GLU C 27 -0.06 14.49 -7.12
CA GLU C 27 0.42 15.35 -8.21
C GLU C 27 1.94 15.44 -8.18
N LEU C 28 2.56 15.16 -9.31
CA LEU C 28 4.01 15.21 -9.40
C LEU C 28 4.51 15.89 -10.66
N VAL C 29 5.32 16.93 -10.48
CA VAL C 29 5.82 17.72 -11.60
C VAL C 29 7.33 17.59 -11.68
N LEU C 30 7.83 17.26 -12.86
CA LEU C 30 9.27 17.24 -13.09
C LEU C 30 9.70 18.49 -13.83
N VAL C 31 10.68 19.19 -13.29
CA VAL C 31 11.16 20.46 -13.83
C VAL C 31 12.66 20.39 -14.07
N ASP C 32 13.07 20.53 -15.32
CA ASP C 32 14.50 20.47 -15.63
C ASP C 32 14.90 21.39 -16.77
N ARG C 33 16.14 21.85 -16.73
CA ARG C 33 16.70 22.66 -17.81
C ARG C 33 16.65 21.88 -19.10
N ASP C 34 16.88 20.58 -19.02
CA ASP C 34 16.83 19.71 -20.18
C ASP C 34 15.39 19.22 -20.35
N GLU C 35 14.57 20.04 -20.99
CA GLU C 35 13.11 19.79 -20.99
C GLU C 35 12.68 18.54 -21.78
N ASP C 36 13.63 17.87 -22.42
CA ASP C 36 13.28 16.64 -23.13
C ASP C 36 13.48 15.43 -22.23
N ARG C 37 14.53 15.46 -21.42
CA ARG C 37 14.74 14.41 -20.45
C ARG C 37 13.58 14.45 -19.45
N ALA C 38 13.26 15.64 -18.96
CA ALA C 38 12.17 15.80 -18.02
C ALA C 38 10.91 15.15 -18.57
N GLN C 39 10.58 15.46 -19.82
CA GLN C 39 9.34 14.95 -20.41
C GLN C 39 9.40 13.44 -20.57
N ALA C 40 10.59 12.91 -20.86
CA ALA C 40 10.72 11.46 -21.02
C ALA C 40 10.49 10.76 -19.67
N GLU C 41 11.22 11.20 -18.64
CA GLU C 41 11.10 10.61 -17.32
C GLU C 41 9.67 10.75 -16.80
N ALA C 42 8.99 11.81 -17.19
CA ALA C 42 7.64 12.06 -16.69
C ALA C 42 6.62 11.15 -17.36
N GLU C 43 6.81 10.90 -18.65
CA GLU C 43 5.90 10.05 -19.41
C GLU C 43 6.13 8.59 -19.07
N ASP C 44 7.36 8.29 -18.64
CA ASP C 44 7.70 6.91 -18.30
C ASP C 44 7.25 6.60 -16.88
N ILE C 45 7.57 7.48 -15.93
CA ILE C 45 7.14 7.29 -14.55
C ILE C 45 5.62 7.32 -14.47
N ALA C 46 5.00 8.08 -15.36
CA ALA C 46 3.56 8.23 -15.34
C ALA C 46 2.89 6.86 -15.40
N HIS C 47 3.60 5.87 -15.93
CA HIS C 47 3.04 4.53 -16.15
C HIS C 47 3.10 3.60 -14.98
N ALA C 48 3.67 4.06 -13.90
CA ALA C 48 4.09 3.13 -12.90
C ALA C 48 3.08 3.29 -11.80
N ALA C 49 2.07 4.12 -12.03
CA ALA C 49 1.17 4.49 -10.96
C ALA C 49 0.41 3.23 -10.57
N PRO C 50 0.23 3.04 -9.27
CA PRO C 50 -0.66 2.06 -8.65
C PRO C 50 -2.12 2.48 -8.63
N VAL C 51 -2.96 1.67 -9.25
CA VAL C 51 -4.40 1.88 -9.27
C VAL C 51 -4.99 2.36 -7.94
N SER C 52 -4.72 1.60 -6.87
CA SER C 52 -5.38 1.85 -5.58
C SER C 52 -5.08 3.26 -5.12
N HIS C 53 -4.24 3.95 -5.90
CA HIS C 53 -3.94 5.37 -5.69
C HIS C 53 -3.14 5.86 -6.88
N GLY C 54 -3.71 6.77 -7.66
CA GLY C 54 -3.03 7.27 -8.83
C GLY C 54 -2.28 8.56 -8.58
N THR C 55 -1.36 8.89 -9.46
CA THR C 55 -0.64 10.14 -9.39
C THR C 55 -0.55 10.76 -10.77
N ARG C 56 -0.87 12.04 -10.86
CA ARG C 56 -0.76 12.75 -12.12
C ARG C 56 0.66 13.26 -12.28
N VAL C 57 1.37 12.70 -13.25
CA VAL C 57 2.76 13.06 -13.50
C VAL C 57 2.92 13.85 -14.78
N TRP C 58 3.67 14.94 -14.71
CA TRP C 58 3.97 15.72 -15.89
C TRP C 58 5.20 16.60 -15.71
N HIS C 59 5.75 17.05 -16.83
CA HIS C 59 6.92 17.92 -16.81
C HIS C 59 6.49 19.34 -17.12
N GLY C 60 7.29 20.31 -16.67
CA GLY C 60 6.96 21.71 -16.90
C GLY C 60 8.11 22.64 -16.59
N GLY C 61 7.87 23.94 -16.74
CA GLY C 61 8.83 24.92 -16.27
C GLY C 61 8.58 25.22 -14.81
N HIS C 62 9.39 26.12 -14.24
CA HIS C 62 9.33 26.40 -12.82
C HIS C 62 7.98 26.91 -12.36
N SER C 63 7.23 27.50 -13.29
CA SER C 63 5.89 27.98 -12.96
C SER C 63 4.95 26.84 -12.58
N GLU C 64 5.26 25.64 -13.06
CA GLU C 64 4.43 24.47 -12.79
C GLU C 64 4.50 24.00 -11.34
N LEU C 65 5.46 24.53 -10.58
CA LEU C 65 5.63 24.14 -9.18
C LEU C 65 4.60 24.82 -8.30
N ALA C 66 3.78 25.69 -8.88
CA ALA C 66 2.79 26.43 -8.12
C ALA C 66 1.98 25.49 -7.24
N ASP C 67 1.96 25.79 -5.93
CA ASP C 67 1.15 25.08 -4.97
C ASP C 67 1.69 23.72 -4.54
N ALA C 68 2.94 23.42 -4.93
CA ALA C 68 3.58 22.20 -4.46
C ALA C 68 3.86 22.31 -2.96
N GLN C 69 3.53 21.26 -2.22
CA GLN C 69 3.80 21.26 -0.78
C GLN C 69 5.28 21.01 -0.51
N VAL C 70 5.93 20.29 -1.41
CA VAL C 70 7.34 19.96 -1.30
C VAL C 70 8.01 20.08 -2.67
N VAL C 71 9.18 20.71 -2.68
CA VAL C 71 9.99 20.69 -3.87
C VAL C 71 11.33 20.06 -3.55
N ILE C 72 11.66 19.02 -4.29
CA ILE C 72 12.91 18.31 -4.11
C ILE C 72 13.90 18.86 -5.12
N LEU C 73 14.96 19.49 -4.62
CA LEU C 73 15.96 20.13 -5.47
C LEU C 73 17.15 19.18 -5.61
N THR C 74 17.27 18.57 -6.78
CA THR C 74 18.30 17.53 -6.95
C THR C 74 19.34 17.98 -7.95
N ALA C 75 19.10 19.15 -8.57
CA ALA C 75 19.95 19.68 -9.62
C ALA C 75 21.39 19.84 -9.14
N GLY C 76 22.34 19.42 -9.97
CA GLY C 76 23.74 19.47 -9.58
C GLY C 76 24.65 19.10 -10.73
N SER C 84 37.69 18.83 -7.82
CA SER C 84 37.76 19.10 -6.39
C SER C 84 36.37 19.27 -5.80
N ARG C 85 36.14 18.74 -4.61
CA ARG C 85 34.89 19.00 -3.92
C ARG C 85 34.58 20.49 -4.04
N LEU C 86 35.57 21.30 -3.76
CA LEU C 86 35.43 22.74 -3.87
C LEU C 86 34.99 23.21 -5.25
N ASP C 87 35.29 22.43 -6.29
CA ASP C 87 34.79 22.75 -7.62
C ASP C 87 33.31 22.41 -7.74
N LEU C 88 32.98 21.15 -7.47
CA LEU C 88 31.59 20.72 -7.43
C LEU C 88 30.81 21.81 -6.72
N LEU C 89 31.24 22.14 -5.52
CA LEU C 89 30.52 23.08 -4.66
C LEU C 89 30.20 24.40 -5.34
N GLU C 90 31.21 25.15 -5.78
CA GLU C 90 30.88 26.45 -6.35
C GLU C 90 30.16 26.31 -7.68
N LYS C 91 30.59 25.38 -8.51
CA LYS C 91 29.85 25.09 -9.74
C LYS C 91 28.39 24.86 -9.38
N ASN C 92 28.14 24.10 -8.31
CA ASN C 92 26.79 23.78 -7.90
C ASN C 92 26.09 24.94 -7.20
N ALA C 93 26.84 25.83 -6.58
CA ALA C 93 26.21 26.99 -5.97
C ALA C 93 25.66 27.92 -7.05
N ASP C 94 26.38 28.05 -8.15
CA ASP C 94 25.91 28.92 -9.22
C ASP C 94 24.56 28.44 -9.71
N ILE C 95 24.45 27.14 -9.97
CA ILE C 95 23.19 26.57 -10.39
C ILE C 95 22.07 26.93 -9.41
N PHE C 96 22.36 26.79 -8.12
CA PHE C 96 21.38 27.09 -7.09
C PHE C 96 20.91 28.55 -7.10
N ARG C 97 21.86 29.47 -7.27
CA ARG C 97 21.51 30.89 -7.31
C ARG C 97 20.59 31.19 -8.48
N GLU C 98 20.68 30.38 -9.54
CA GLU C 98 19.76 30.48 -10.66
C GLU C 98 18.39 29.87 -10.35
N LEU C 99 18.39 28.68 -9.77
CA LEU C 99 17.17 27.90 -9.64
C LEU C 99 16.33 28.25 -8.42
N VAL C 100 16.96 28.32 -7.25
CA VAL C 100 16.19 28.54 -6.03
C VAL C 100 15.24 29.76 -6.12
N PRO C 101 15.72 30.88 -6.67
CA PRO C 101 14.79 32.00 -6.81
C PRO C 101 13.62 31.73 -7.75
N GLN C 102 13.85 31.03 -8.85
CA GLN C 102 12.75 30.62 -9.73
C GLN C 102 11.75 29.74 -8.96
N ILE C 103 12.27 28.89 -8.08
CA ILE C 103 11.42 28.04 -7.25
C ILE C 103 10.61 28.86 -6.26
N THR C 104 11.28 29.77 -5.56
CA THR C 104 10.60 30.65 -4.61
C THR C 104 9.58 31.54 -5.30
N ARG C 105 9.85 31.87 -6.55
CA ARG C 105 8.88 32.61 -7.36
C ARG C 105 7.59 31.81 -7.40
N ALA C 106 7.69 30.58 -7.90
CA ALA C 106 6.51 29.78 -8.21
C ALA C 106 5.83 29.18 -6.98
N ALA C 107 6.61 28.70 -6.02
CA ALA C 107 6.05 28.15 -4.79
C ALA C 107 6.72 28.69 -3.54
N PRO C 108 6.30 29.87 -3.11
CA PRO C 108 6.94 30.58 -2.01
C PRO C 108 6.72 29.94 -0.65
N ASP C 109 5.71 29.08 -0.53
CA ASP C 109 5.40 28.48 0.75
C ASP C 109 5.53 26.96 0.79
N ALA C 110 6.22 26.42 -0.21
CA ALA C 110 6.49 24.99 -0.25
C ALA C 110 7.77 24.68 0.51
N VAL C 111 7.86 23.46 1.04
CA VAL C 111 9.08 23.00 1.69
C VAL C 111 10.14 22.57 0.70
N LEU C 112 11.30 23.19 0.79
CA LEU C 112 12.38 22.98 -0.15
C LEU C 112 13.24 21.86 0.41
N LEU C 113 13.38 20.78 -0.35
CA LEU C 113 14.17 19.66 0.11
C LEU C 113 15.39 19.52 -0.78
N VAL C 114 16.55 19.78 -0.19
CA VAL C 114 17.79 19.87 -0.97
C VAL C 114 18.51 18.56 -0.88
N THR C 115 19.00 18.06 -2.02
CA THR C 115 19.65 16.78 -2.02
C THR C 115 20.99 16.79 -2.75
N SER C 116 21.25 17.86 -3.50
CA SER C 116 22.49 17.95 -4.29
C SER C 116 23.71 17.95 -3.36
N ASN C 117 24.82 17.41 -3.86
CA ASN C 117 26.09 17.44 -3.10
C ASN C 117 26.94 18.68 -3.41
N PRO C 118 27.67 19.19 -2.39
CA PRO C 118 27.59 18.82 -0.98
C PRO C 118 26.27 19.30 -0.41
N VAL C 119 25.50 18.38 0.17
CA VAL C 119 24.15 18.71 0.60
C VAL C 119 24.10 19.74 1.74
N ASP C 120 25.06 19.66 2.66
CA ASP C 120 25.04 20.53 3.84
C ASP C 120 25.25 21.99 3.51
N LEU C 121 26.31 22.28 2.76
CA LEU C 121 26.60 23.65 2.37
C LEU C 121 25.54 24.17 1.41
N LEU C 122 25.10 23.33 0.47
CA LEU C 122 24.05 23.73 -0.45
C LEU C 122 22.71 23.95 0.23
N THR C 123 22.54 23.35 1.42
CA THR C 123 21.35 23.63 2.21
C THR C 123 21.46 25.00 2.84
N ASP C 124 22.68 25.35 3.25
CA ASP C 124 22.95 26.71 3.74
C ASP C 124 22.68 27.74 2.64
N LEU C 125 23.30 27.52 1.48
CA LEU C 125 23.11 28.41 0.36
C LEU C 125 21.63 28.60 0.10
N ALA C 126 20.89 27.49 0.01
CA ALA C 126 19.49 27.53 -0.37
C ALA C 126 18.67 28.28 0.66
N THR C 127 19.08 28.17 1.92
CA THR C 127 18.33 28.80 3.00
C THR C 127 18.40 30.31 2.93
N GLN C 128 19.47 30.83 2.35
CA GLN C 128 19.65 32.27 2.25
C GLN C 128 19.04 32.78 0.96
N LEU C 129 19.15 31.98 -0.10
CA LEU C 129 18.50 32.31 -1.36
C LEU C 129 16.98 32.25 -1.21
N ALA C 130 16.51 31.57 -0.18
CA ALA C 130 15.08 31.40 0.00
C ALA C 130 14.65 31.53 1.46
N PRO C 131 14.92 32.69 2.06
CA PRO C 131 14.45 32.95 3.43
C PRO C 131 12.93 32.95 3.48
N GLY C 132 12.36 32.80 4.66
CA GLY C 132 10.91 32.78 4.75
C GLY C 132 10.31 31.63 3.97
N GLN C 133 11.01 30.49 4.01
CA GLN C 133 10.52 29.27 3.41
C GLN C 133 11.28 28.13 4.06
N PRO C 134 10.56 27.09 4.53
CA PRO C 134 11.20 25.94 5.18
C PRO C 134 12.18 25.29 4.23
N VAL C 135 13.45 25.18 4.65
CA VAL C 135 14.47 24.52 3.85
C VAL C 135 15.15 23.39 4.61
N ILE C 136 15.34 22.26 3.94
CA ILE C 136 15.90 21.07 4.55
C ILE C 136 16.73 20.29 3.53
N GLY C 137 17.86 19.77 3.99
CA GLY C 137 18.67 18.91 3.14
C GLY C 137 18.56 17.44 3.56
N SER C 138 18.62 16.53 2.58
CA SER C 138 18.44 15.11 2.86
C SER C 138 19.47 14.64 3.86
N GLY C 139 20.67 15.23 3.82
CA GLY C 139 21.59 15.07 4.92
C GLY C 139 21.98 13.61 5.07
N THR C 140 21.89 13.08 6.29
CA THR C 140 22.33 11.73 6.60
C THR C 140 21.15 10.74 6.75
N VAL C 141 19.97 11.13 6.27
CA VAL C 141 18.76 10.35 6.49
C VAL C 141 18.96 8.91 6.05
N LEU C 142 19.47 8.72 4.83
CA LEU C 142 19.73 7.38 4.32
C LEU C 142 20.80 6.65 5.17
N ASP C 143 21.86 7.37 5.54
CA ASP C 143 22.91 6.75 6.32
C ASP C 143 22.40 6.29 7.67
N SER C 144 21.58 7.11 8.32
CA SER C 144 20.97 6.74 9.60
C SER C 144 20.11 5.49 9.42
N ALA C 145 19.43 5.40 8.29
CA ALA C 145 18.56 4.27 8.04
C ALA C 145 19.42 2.99 7.87
N ARG C 146 20.50 3.09 7.09
CA ARG C 146 21.40 1.94 6.92
C ARG C 146 21.90 1.50 8.28
N PHE C 147 22.32 2.47 9.07
CA PHE C 147 22.89 2.21 10.38
C PHE C 147 21.91 1.38 11.17
N ARG C 148 20.63 1.77 11.15
CA ARG C 148 19.60 1.01 11.84
C ARG C 148 19.38 -0.37 11.23
N HIS C 149 19.28 -0.40 9.89
CA HIS C 149 19.03 -1.65 9.19
C HIS C 149 20.11 -2.67 9.53
N LEU C 150 21.37 -2.25 9.55
CA LEU C 150 22.47 -3.17 9.83
C LEU C 150 22.47 -3.70 11.24
N MET C 151 22.15 -2.86 12.22
CA MET C 151 22.03 -3.33 13.61
C MET C 151 20.88 -4.31 13.72
N ALA C 152 19.75 -3.96 13.12
CA ALA C 152 18.55 -4.80 13.22
C ALA C 152 18.82 -6.16 12.59
N GLN C 153 19.51 -6.17 11.46
CA GLN C 153 19.81 -7.41 10.76
C GLN C 153 20.73 -8.26 11.62
N HIS C 154 21.64 -7.61 12.33
CA HIS C 154 22.58 -8.33 13.19
C HIS C 154 21.90 -8.77 14.49
N ALA C 155 20.84 -8.06 14.89
CA ALA C 155 20.12 -8.44 16.09
C ALA C 155 19.06 -9.53 15.85
N GLY C 156 18.70 -9.73 14.58
CA GLY C 156 17.70 -10.74 14.27
C GLY C 156 16.27 -10.23 14.46
N VAL C 157 16.06 -8.93 14.25
CA VAL C 157 14.80 -8.27 14.52
C VAL C 157 14.47 -7.29 13.42
N ASP C 158 13.20 -6.99 13.23
CA ASP C 158 12.78 -6.05 12.21
C ASP C 158 13.36 -4.64 12.47
N GLY C 159 13.61 -3.92 11.38
CA GLY C 159 14.27 -2.64 11.49
C GLY C 159 13.59 -1.61 12.38
N THR C 160 12.25 -1.67 12.49
CA THR C 160 11.53 -0.65 13.24
C THR C 160 11.90 -0.68 14.71
N HIS C 161 12.41 -1.82 15.18
CA HIS C 161 12.85 -1.93 16.56
C HIS C 161 14.27 -1.45 16.81
N ALA C 162 14.92 -0.92 15.78
CA ALA C 162 16.25 -0.33 15.90
C ALA C 162 16.21 1.19 15.88
N HIS C 163 17.01 1.79 16.75
CA HIS C 163 17.12 3.25 16.82
C HIS C 163 18.59 3.66 16.79
N GLY C 164 18.89 4.69 16.02
CA GLY C 164 20.26 5.16 15.95
C GLY C 164 20.43 6.24 14.90
N TYR C 165 21.37 7.15 15.16
CA TYR C 165 21.51 8.32 14.31
C TYR C 165 22.91 8.34 13.68
N VAL C 166 22.98 8.85 12.46
CA VAL C 166 24.23 9.30 11.90
C VAL C 166 24.17 10.83 11.81
N LEU C 167 25.15 11.47 12.46
CA LEU C 167 25.11 12.92 12.68
C LEU C 167 26.18 13.65 11.87
N GLY C 168 25.93 14.94 11.63
CA GLY C 168 27.00 15.82 11.18
C GLY C 168 27.05 15.92 9.68
N GLU C 169 28.26 15.96 9.14
CA GLU C 169 28.45 16.16 7.71
C GLU C 169 28.12 14.91 6.89
N HIS C 170 27.39 15.09 5.80
CA HIS C 170 27.09 13.96 4.92
C HIS C 170 28.35 13.59 4.17
N GLY C 171 28.94 12.47 4.56
CA GLY C 171 30.17 12.04 3.93
C GLY C 171 31.08 11.28 4.89
N ASP C 172 32.37 11.32 4.57
CA ASP C 172 33.41 10.55 5.24
C ASP C 172 33.55 11.00 6.69
N SER C 173 33.07 12.19 6.98
CA SER C 173 33.24 12.79 8.30
C SER C 173 32.04 12.58 9.23
N GLU C 174 30.98 11.92 8.75
CA GLU C 174 29.78 11.77 9.58
C GLU C 174 30.06 10.90 10.79
N VAL C 175 29.30 11.12 11.85
CA VAL C 175 29.48 10.42 13.11
C VAL C 175 28.36 9.43 13.35
N LEU C 176 28.73 8.21 13.70
CA LEU C 176 27.76 7.21 14.14
C LEU C 176 27.58 7.37 15.64
N ALA C 177 26.38 7.70 16.08
CA ALA C 177 26.15 7.85 17.51
C ALA C 177 25.90 6.50 18.16
N TRP C 178 26.94 5.67 18.21
CA TRP C 178 26.85 4.41 18.90
C TRP C 178 26.23 4.59 20.29
N SER C 179 26.63 5.65 20.97
CA SER C 179 26.26 5.84 22.38
C SER C 179 24.74 5.82 22.52
N SER C 180 24.05 6.11 21.44
CA SER C 180 22.60 6.15 21.49
C SER C 180 21.92 5.11 20.59
N ALA C 181 22.69 4.13 20.12
CA ALA C 181 22.10 3.05 19.34
C ALA C 181 21.31 2.10 20.26
N MET C 182 20.10 1.76 19.83
CA MET C 182 19.10 1.09 20.68
C MET C 182 18.40 -0.01 19.88
N VAL C 183 18.17 -1.17 20.50
CA VAL C 183 17.35 -2.20 19.84
C VAL C 183 16.32 -2.77 20.81
N ALA C 184 15.06 -2.77 20.40
CA ALA C 184 14.02 -3.25 21.29
C ALA C 184 14.08 -2.55 22.66
N GLY C 185 14.37 -1.25 22.67
CA GLY C 185 14.35 -0.49 23.91
C GLY C 185 15.63 -0.51 24.72
N MET C 186 16.60 -1.30 24.30
CA MET C 186 17.84 -1.43 25.05
C MET C 186 18.96 -0.83 24.22
N PRO C 187 20.07 -0.48 24.88
CA PRO C 187 21.32 -0.21 24.18
C PRO C 187 21.63 -1.41 23.33
N VAL C 188 22.20 -1.19 22.15
CA VAL C 188 22.40 -2.28 21.22
C VAL C 188 23.20 -3.44 21.84
N ALA C 189 24.26 -3.13 22.59
CA ALA C 189 25.11 -4.17 23.17
C ALA C 189 24.35 -5.02 24.19
N ASP C 190 23.55 -4.35 25.03
CA ASP C 190 22.75 -5.01 26.05
C ASP C 190 21.75 -5.97 25.40
N PHE C 191 21.24 -5.58 24.23
CA PHE C 191 20.38 -6.48 23.51
C PHE C 191 21.14 -7.67 22.94
N MET C 192 22.37 -7.44 22.47
CA MET C 192 23.16 -8.55 21.95
C MET C 192 23.53 -9.49 23.09
N GLN C 193 23.80 -8.91 24.25
CA GLN C 193 24.12 -9.67 25.46
C GLN C 193 22.90 -10.50 25.90
N ALA C 194 21.72 -9.97 25.67
CA ALA C 194 20.51 -10.64 26.11
C ALA C 194 20.13 -11.76 25.15
N GLN C 195 20.51 -11.62 23.88
CA GLN C 195 20.21 -12.64 22.88
C GLN C 195 21.42 -13.54 22.66
N ASN C 196 22.50 -13.26 23.39
CA ASN C 196 23.77 -13.96 23.22
C ASN C 196 24.23 -13.94 21.75
N LEU C 197 24.20 -12.76 21.16
CA LEU C 197 24.72 -12.58 19.81
C LEU C 197 26.03 -11.83 19.90
N PRO C 198 26.96 -12.09 18.96
CA PRO C 198 28.28 -11.46 19.05
C PRO C 198 28.26 -9.95 18.87
N TRP C 199 28.89 -9.25 19.81
CA TRP C 199 29.01 -7.80 19.70
C TRP C 199 30.40 -7.38 20.17
N ASN C 200 31.13 -6.70 19.29
CA ASN C 200 32.48 -6.26 19.57
C ASN C 200 32.94 -5.22 18.56
N GLU C 201 34.18 -4.77 18.71
CA GLU C 201 34.74 -3.74 17.84
C GLU C 201 34.67 -4.10 16.36
N GLN C 202 34.93 -5.36 16.05
CA GLN C 202 34.97 -5.78 14.64
C GLN C 202 33.58 -5.87 14.04
N VAL C 203 32.61 -6.33 14.81
CA VAL C 203 31.22 -6.32 14.38
C VAL C 203 30.82 -4.89 14.15
N ARG C 204 31.19 -4.02 15.08
CA ARG C 204 30.82 -2.62 14.95
C ARG C 204 31.53 -1.94 13.79
N ALA C 205 32.77 -2.35 13.53
CA ALA C 205 33.52 -1.72 12.43
C ALA C 205 32.96 -2.19 11.09
N LYS C 206 32.38 -3.38 11.07
CA LYS C 206 31.79 -3.90 9.84
C LYS C 206 30.48 -3.16 9.53
N ILE C 207 29.70 -2.86 10.57
CA ILE C 207 28.48 -2.08 10.42
C ILE C 207 28.86 -0.66 10.00
N ASP C 208 29.94 -0.16 10.58
CA ASP C 208 30.38 1.21 10.29
C ASP C 208 30.75 1.31 8.81
N GLU C 209 31.27 0.23 8.26
CA GLU C 209 31.63 0.19 6.85
C GLU C 209 30.38 0.23 5.99
N GLY C 210 29.38 -0.55 6.39
CA GLY C 210 28.15 -0.62 5.63
C GLY C 210 27.34 0.67 5.71
N THR C 211 27.59 1.47 6.74
CA THR C 211 26.87 2.73 6.88
C THR C 211 27.52 3.86 6.10
N ARG C 212 28.81 3.73 5.81
CA ARG C 212 29.52 4.79 5.11
C ARG C 212 29.72 4.50 3.62
N ASN C 213 29.12 3.42 3.12
CA ASN C 213 29.24 3.05 1.71
C ASN C 213 30.34 3.82 0.97
N THR C 225 23.61 4.00 -8.82
CA THR C 225 22.29 3.51 -8.43
C THR C 225 21.80 4.21 -7.15
N TYR C 226 20.59 4.74 -7.21
CA TYR C 226 20.11 5.66 -6.17
C TYR C 226 18.78 5.24 -5.55
N TYR C 227 18.58 3.94 -5.36
CA TYR C 227 17.31 3.47 -4.82
C TYR C 227 17.20 3.79 -3.34
N GLY C 228 18.30 3.60 -2.61
CA GLY C 228 18.30 3.89 -1.18
C GLY C 228 17.93 5.35 -0.93
N ILE C 229 18.54 6.26 -1.67
CA ILE C 229 18.31 7.67 -1.44
C ILE C 229 16.95 8.12 -2.01
N GLY C 230 16.59 7.58 -3.18
CA GLY C 230 15.27 7.86 -3.73
C GLY C 230 14.18 7.55 -2.73
N ALA C 231 14.23 6.37 -2.13
CA ALA C 231 13.22 5.96 -1.19
C ALA C 231 13.23 6.84 0.04
N ALA C 232 14.42 7.22 0.50
CA ALA C 232 14.53 8.08 1.68
C ALA C 232 13.93 9.44 1.35
N LEU C 233 14.23 9.94 0.16
CA LEU C 233 13.69 11.22 -0.29
C LEU C 233 12.16 11.23 -0.20
N ALA C 234 11.55 10.09 -0.49
CA ALA C 234 10.11 9.97 -0.46
C ALA C 234 9.59 9.94 0.98
N ARG C 235 10.35 9.32 1.86
CA ARG C 235 9.99 9.23 3.26
C ARG C 235 9.94 10.61 3.90
N ILE C 236 10.96 11.43 3.63
CA ILE C 236 10.99 12.80 4.14
C ILE C 236 9.81 13.58 3.58
N THR C 237 9.59 13.44 2.29
CA THR C 237 8.48 14.08 1.62
C THR C 237 7.16 13.69 2.26
N GLU C 238 6.94 12.40 2.45
CA GLU C 238 5.70 11.94 3.05
C GLU C 238 5.52 12.50 4.45
N ALA C 239 6.63 12.63 5.18
CA ALA C 239 6.60 13.21 6.52
C ALA C 239 6.00 14.60 6.46
N VAL C 240 6.35 15.36 5.42
CA VAL C 240 5.83 16.70 5.29
C VAL C 240 4.37 16.68 4.83
N LEU C 241 4.11 15.99 3.73
CA LEU C 241 2.76 15.93 3.15
C LEU C 241 1.71 15.50 4.18
N ARG C 242 2.07 14.55 5.03
CA ARG C 242 1.13 14.04 6.01
C ARG C 242 1.38 14.64 7.39
N ASP C 243 2.31 15.60 7.47
CA ASP C 243 2.59 16.25 8.74
C ASP C 243 2.72 15.13 9.77
N ARG C 244 3.76 14.32 9.64
CA ARG C 244 3.78 13.11 10.45
C ARG C 244 4.62 13.21 11.73
N ARG C 245 5.39 14.28 11.91
CA ARG C 245 6.21 14.39 13.11
C ARG C 245 7.20 13.22 13.20
N ALA C 246 7.81 12.90 12.07
CA ALA C 246 8.89 11.90 12.02
C ALA C 246 10.21 12.47 12.49
N VAL C 247 10.93 11.68 13.29
CA VAL C 247 12.28 12.02 13.71
C VAL C 247 13.31 11.59 12.65
N LEU C 248 13.87 12.56 11.93
CA LEU C 248 14.79 12.33 10.83
C LEU C 248 16.08 13.15 10.99
N THR C 249 17.22 12.55 10.69
CA THR C 249 18.48 13.26 10.75
C THR C 249 18.72 13.99 9.43
N VAL C 250 17.92 15.04 9.21
CA VAL C 250 18.04 15.91 8.05
C VAL C 250 19.00 17.08 8.32
N SER C 251 19.54 17.70 7.28
CA SER C 251 20.49 18.80 7.46
C SER C 251 19.76 20.15 7.49
N ALA C 252 19.98 20.89 8.57
CA ALA C 252 19.48 22.26 8.65
C ALA C 252 20.53 23.14 9.32
N PRO C 253 20.48 24.46 9.05
CA PRO C 253 21.38 25.39 9.76
C PRO C 253 21.28 25.21 11.27
N THR C 254 22.42 24.97 11.91
CA THR C 254 22.47 24.62 13.32
C THR C 254 23.32 25.67 14.04
N PRO C 255 22.68 26.62 14.72
CA PRO C 255 23.41 27.78 15.22
C PRO C 255 24.57 27.41 16.15
N GLU C 256 24.40 26.35 16.93
CA GLU C 256 25.44 25.90 17.85
C GLU C 256 26.74 25.59 17.12
N TYR C 257 26.67 25.37 15.81
CA TYR C 257 27.85 25.03 15.04
C TYR C 257 28.08 26.01 13.90
N GLY C 258 27.10 26.88 13.67
CA GLY C 258 27.24 27.92 12.66
C GLY C 258 27.26 27.37 11.25
N VAL C 259 26.89 26.10 11.11
CA VAL C 259 26.71 25.53 9.79
C VAL C 259 25.43 24.70 9.72
N SER C 260 25.04 24.35 8.50
CA SER C 260 23.97 23.40 8.30
C SER C 260 24.58 22.00 8.35
N LEU C 261 24.07 21.19 9.27
CA LEU C 261 24.46 19.79 9.34
C LEU C 261 23.29 18.96 9.82
N SER C 262 23.49 17.65 9.91
CA SER C 262 22.42 16.75 10.25
C SER C 262 22.34 16.43 11.73
N LEU C 263 21.16 16.63 12.29
CA LEU C 263 20.85 16.14 13.64
C LEU C 263 19.45 15.58 13.60
N PRO C 264 19.04 14.82 14.62
CA PRO C 264 17.64 14.37 14.62
C PRO C 264 16.68 15.55 14.77
N ARG C 265 15.72 15.63 13.86
CA ARG C 265 14.75 16.72 13.86
C ARG C 265 13.35 16.19 13.61
N VAL C 266 12.38 16.73 14.33
CA VAL C 266 10.98 16.37 14.16
C VAL C 266 10.48 17.09 12.91
N VAL C 267 9.99 16.33 11.93
CA VAL C 267 9.62 16.94 10.66
C VAL C 267 8.15 16.75 10.38
N GLY C 268 7.53 17.81 9.93
CA GLY C 268 6.12 17.71 9.69
C GLY C 268 5.79 18.62 8.52
N ARG C 269 4.54 19.04 8.45
CA ARG C 269 4.09 19.89 7.36
C ARG C 269 4.85 21.22 7.28
N GLN C 270 5.20 21.84 8.42
CA GLN C 270 5.86 23.13 8.31
C GLN C 270 7.38 22.96 8.16
N GLY C 271 7.82 21.70 7.98
CA GLY C 271 9.24 21.41 7.95
C GLY C 271 9.75 21.02 9.31
N VAL C 272 10.92 21.53 9.69
CA VAL C 272 11.54 21.19 10.96
C VAL C 272 10.75 21.85 12.09
N LEU C 273 10.11 21.05 12.94
CA LEU C 273 9.36 21.60 14.08
C LEU C 273 10.21 21.74 15.32
N SER C 274 11.18 20.85 15.49
CA SER C 274 12.14 21.00 16.59
C SER C 274 13.40 20.17 16.35
N THR C 275 14.42 20.41 17.16
CA THR C 275 15.68 19.71 17.03
C THR C 275 16.00 19.01 18.34
N LEU C 276 16.39 17.76 18.24
CA LEU C 276 16.76 16.98 19.41
C LEU C 276 18.27 16.77 19.42
N HIS C 277 18.98 17.61 20.15
CA HIS C 277 20.42 17.43 20.27
C HIS C 277 20.69 16.21 21.14
N PRO C 278 21.26 15.15 20.54
CA PRO C 278 21.56 13.92 21.30
C PRO C 278 22.73 14.09 22.27
N LYS C 279 22.69 13.36 23.37
CA LYS C 279 23.80 13.33 24.33
C LYS C 279 24.89 12.37 23.87
N LEU C 280 26.00 12.93 23.41
CA LEU C 280 27.07 12.14 22.81
C LEU C 280 28.21 11.93 23.79
N THR C 281 29.03 10.92 23.56
CA THR C 281 30.22 10.74 24.37
C THR C 281 31.19 11.83 23.98
N GLY C 282 32.16 12.09 24.85
CA GLY C 282 33.16 13.10 24.57
C GLY C 282 33.71 12.91 23.18
N ASP C 283 34.15 11.69 22.88
CA ASP C 283 34.74 11.38 21.60
C ASP C 283 33.83 11.73 20.42
N GLU C 284 32.55 11.39 20.53
CA GLU C 284 31.59 11.65 19.47
C GLU C 284 31.40 13.15 19.28
N GLN C 285 31.22 13.86 20.37
CA GLN C 285 31.03 15.30 20.31
C GLN C 285 32.25 15.93 19.66
N GLN C 286 33.41 15.34 19.94
CA GLN C 286 34.69 15.80 19.44
C GLN C 286 34.68 15.61 17.94
N LYS C 287 34.29 14.42 17.52
CA LYS C 287 34.24 14.08 16.11
C LYS C 287 33.20 14.91 15.34
N LEU C 288 32.14 15.33 16.02
CA LEU C 288 31.11 16.13 15.42
C LEU C 288 31.55 17.51 15.20
N GLU C 289 32.27 18.06 16.15
CA GLU C 289 32.78 19.43 16.07
C GLU C 289 33.85 19.56 14.98
N GLN C 290 34.74 18.58 14.89
CA GLN C 290 35.69 18.54 13.78
C GLN C 290 34.96 18.52 12.44
N SER C 291 33.85 17.78 12.40
CA SER C 291 33.04 17.65 11.20
C SER C 291 32.47 19.03 10.83
N ALA C 292 31.97 19.74 11.83
CA ALA C 292 31.49 21.10 11.67
C ALA C 292 32.60 22.05 11.20
N GLY C 293 33.82 21.83 11.69
CA GLY C 293 34.94 22.65 11.30
C GLY C 293 35.20 22.57 9.81
N VAL C 294 35.25 21.34 9.31
CA VAL C 294 35.41 21.10 7.89
C VAL C 294 34.41 21.93 7.06
N LEU C 295 33.15 21.93 7.50
CA LEU C 295 32.09 22.60 6.74
C LEU C 295 32.21 24.12 6.86
N ARG C 296 32.53 24.61 8.06
CA ARG C 296 32.85 26.02 8.22
C ARG C 296 33.99 26.38 7.26
N GLY C 297 34.90 25.43 7.06
CA GLY C 297 36.05 25.66 6.22
C GLY C 297 35.69 25.91 4.76
N PHE C 298 34.80 25.09 4.21
CA PHE C 298 34.31 25.35 2.87
C PHE C 298 33.43 26.60 2.89
N LYS C 299 32.54 26.67 3.86
CA LYS C 299 31.52 27.73 3.90
C LYS C 299 32.12 29.09 3.57
N MET D 1 6.51 -15.64 -0.48
CA MET D 1 6.61 -15.29 -1.92
C MET D 1 8.03 -14.85 -2.22
N LYS D 2 8.72 -15.60 -3.08
CA LYS D 2 10.12 -15.31 -3.37
C LYS D 2 10.33 -15.11 -4.84
N VAL D 3 11.16 -14.12 -5.19
CA VAL D 3 11.42 -13.78 -6.57
C VAL D 3 12.92 -13.66 -6.73
N GLY D 4 13.44 -14.12 -7.85
CA GLY D 4 14.83 -13.89 -8.14
C GLY D 4 14.97 -13.22 -9.49
N VAL D 5 15.87 -12.26 -9.56
CA VAL D 5 16.03 -11.49 -10.77
C VAL D 5 17.45 -11.79 -11.22
N VAL D 6 17.63 -12.00 -12.51
CA VAL D 6 18.89 -12.54 -12.97
C VAL D 6 19.45 -11.63 -14.04
N GLY D 7 20.68 -11.17 -13.83
CA GLY D 7 21.19 -10.05 -14.62
C GLY D 7 20.71 -8.73 -14.03
N THR D 8 21.62 -8.01 -13.38
CA THR D 8 21.21 -6.81 -12.66
C THR D 8 21.55 -5.52 -13.41
N GLY D 9 21.39 -5.54 -14.73
CA GLY D 9 21.35 -4.31 -15.48
C GLY D 9 20.21 -3.43 -15.01
N PHE D 10 19.93 -2.38 -15.77
CA PHE D 10 18.91 -1.41 -15.41
C PHE D 10 17.50 -2.00 -15.30
N VAL D 11 17.15 -2.90 -16.21
CA VAL D 11 15.80 -3.44 -16.23
C VAL D 11 15.55 -4.27 -14.99
N GLY D 12 16.45 -5.20 -14.73
CA GLY D 12 16.32 -6.07 -13.57
C GLY D 12 16.27 -5.29 -12.26
N SER D 13 17.12 -4.29 -12.13
CA SER D 13 17.22 -3.61 -10.85
C SER D 13 16.02 -2.68 -10.67
N THR D 14 15.56 -2.05 -11.75
CA THR D 14 14.36 -1.24 -11.69
C THR D 14 13.14 -2.10 -11.35
N ALA D 15 13.05 -3.27 -11.97
CA ALA D 15 12.03 -4.26 -11.63
C ALA D 15 12.13 -4.64 -10.15
N ALA D 16 13.34 -4.82 -9.64
CA ALA D 16 13.52 -5.24 -8.26
C ALA D 16 13.04 -4.12 -7.33
N PHE D 17 13.34 -2.89 -7.72
CA PHE D 17 12.97 -1.73 -6.92
C PHE D 17 11.46 -1.64 -6.84
N ALA D 18 10.80 -1.81 -7.98
CA ALA D 18 9.35 -1.73 -8.01
C ALA D 18 8.76 -2.82 -7.14
N LEU D 19 9.35 -4.01 -7.15
CA LEU D 19 8.76 -5.14 -6.43
C LEU D 19 8.84 -4.88 -4.93
N VAL D 20 9.90 -4.20 -4.55
CA VAL D 20 10.21 -4.07 -3.15
C VAL D 20 9.31 -2.99 -2.59
N LEU D 21 9.15 -1.92 -3.35
CA LEU D 21 8.52 -0.73 -2.83
C LEU D 21 7.04 -0.87 -2.78
N ARG D 22 6.51 -1.75 -3.61
CA ARG D 22 5.14 -2.15 -3.45
C ARG D 22 4.92 -3.39 -2.61
N GLY D 23 6.00 -3.99 -2.10
CA GLY D 23 5.84 -5.13 -1.22
C GLY D 23 5.30 -6.35 -1.93
N SER D 24 5.68 -6.51 -3.19
CA SER D 24 5.10 -7.53 -4.04
C SER D 24 5.49 -8.92 -3.56
N CYS D 25 6.67 -9.02 -2.95
CA CYS D 25 7.15 -10.30 -2.45
C CYS D 25 7.91 -10.13 -1.14
N SER D 26 8.09 -11.22 -0.40
CA SER D 26 8.71 -11.14 0.91
C SER D 26 10.20 -11.36 0.84
N GLU D 27 10.62 -11.93 -0.27
CA GLU D 27 11.92 -12.53 -0.39
C GLU D 27 12.41 -12.25 -1.80
N LEU D 28 13.57 -11.62 -1.95
CA LEU D 28 14.09 -11.27 -3.29
C LEU D 28 15.60 -11.46 -3.41
N VAL D 29 16.00 -12.14 -4.48
CA VAL D 29 17.39 -12.51 -4.75
C VAL D 29 17.83 -11.91 -6.07
N LEU D 30 18.99 -11.26 -6.07
CA LEU D 30 19.57 -10.78 -7.31
C LEU D 30 20.75 -11.67 -7.67
N VAL D 31 20.80 -12.11 -8.92
CA VAL D 31 21.82 -13.05 -9.36
C VAL D 31 22.42 -12.54 -10.65
N ASP D 32 23.74 -12.36 -10.66
CA ASP D 32 24.40 -11.85 -11.85
C ASP D 32 25.82 -12.37 -11.98
N ARG D 33 26.28 -12.49 -13.22
CA ARG D 33 27.65 -12.84 -13.50
C ARG D 33 28.56 -11.88 -12.75
N ASP D 34 28.20 -10.60 -12.79
CA ASP D 34 28.98 -9.55 -12.15
C ASP D 34 28.56 -9.41 -10.69
N GLU D 35 29.08 -10.28 -9.84
CA GLU D 35 28.62 -10.40 -8.46
C GLU D 35 28.83 -9.14 -7.63
N ASP D 36 29.73 -8.27 -8.07
CA ASP D 36 29.95 -7.01 -7.37
C ASP D 36 28.76 -6.09 -7.58
N ARG D 37 28.29 -5.99 -8.83
CA ARG D 37 27.13 -5.17 -9.15
C ARG D 37 25.93 -5.70 -8.38
N ALA D 38 25.69 -7.00 -8.48
CA ALA D 38 24.57 -7.64 -7.80
C ALA D 38 24.56 -7.29 -6.32
N GLN D 39 25.73 -7.32 -5.69
CA GLN D 39 25.80 -7.09 -4.26
C GLN D 39 25.46 -5.65 -3.95
N ALA D 40 25.96 -4.76 -4.80
CA ALA D 40 25.73 -3.33 -4.66
C ALA D 40 24.24 -2.99 -4.77
N GLU D 41 23.61 -3.45 -5.84
CA GLU D 41 22.22 -3.13 -6.07
C GLU D 41 21.30 -3.80 -5.07
N ALA D 42 21.73 -4.93 -4.52
CA ALA D 42 20.91 -5.64 -3.54
C ALA D 42 20.93 -4.88 -2.23
N GLU D 43 22.10 -4.39 -1.84
CA GLU D 43 22.25 -3.68 -0.59
C GLU D 43 21.51 -2.36 -0.66
N ASP D 44 21.54 -1.72 -1.82
CA ASP D 44 20.88 -0.44 -2.00
C ASP D 44 19.36 -0.59 -1.95
N ILE D 45 18.85 -1.56 -2.70
CA ILE D 45 17.41 -1.76 -2.81
C ILE D 45 16.83 -2.22 -1.47
N ALA D 46 17.63 -2.95 -0.71
CA ALA D 46 17.19 -3.38 0.61
C ALA D 46 16.86 -2.18 1.48
N HIS D 47 17.65 -1.11 1.36
CA HIS D 47 17.45 0.08 2.17
C HIS D 47 16.16 0.78 1.78
N ALA D 48 15.47 0.25 0.78
CA ALA D 48 14.33 0.93 0.15
C ALA D 48 13.01 0.21 0.27
N ALA D 49 12.76 -0.48 1.38
CA ALA D 49 11.54 -1.28 1.52
C ALA D 49 10.58 -0.71 2.55
N PRO D 50 9.28 -0.61 2.22
CA PRO D 50 8.36 0.03 3.16
C PRO D 50 8.11 -0.82 4.41
N VAL D 51 8.15 -0.17 5.57
CA VAL D 51 8.08 -0.84 6.86
C VAL D 51 6.91 -1.82 7.04
N SER D 52 5.73 -1.46 6.55
CA SER D 52 4.56 -2.32 6.66
C SER D 52 4.95 -3.71 6.17
N HIS D 53 4.98 -3.87 4.84
CA HIS D 53 5.51 -5.11 4.27
C HIS D 53 6.99 -4.97 3.95
N GLY D 54 7.82 -5.73 4.67
CA GLY D 54 9.25 -5.73 4.42
C GLY D 54 9.65 -6.80 3.43
N THR D 55 10.83 -6.67 2.85
CA THR D 55 11.34 -7.67 1.92
C THR D 55 12.81 -7.92 2.21
N ARG D 56 13.15 -9.18 2.42
CA ARG D 56 14.54 -9.58 2.57
C ARG D 56 15.18 -9.59 1.18
N VAL D 57 16.21 -8.77 0.99
CA VAL D 57 16.82 -8.61 -0.33
C VAL D 57 18.29 -8.97 -0.23
N TRP D 58 18.79 -9.74 -1.19
CA TRP D 58 20.19 -10.13 -1.19
C TRP D 58 20.67 -10.58 -2.54
N HIS D 59 21.97 -10.83 -2.65
CA HIS D 59 22.55 -11.30 -3.90
C HIS D 59 23.11 -12.70 -3.70
N GLY D 60 23.39 -13.38 -4.80
CA GLY D 60 23.83 -14.76 -4.70
C GLY D 60 24.10 -15.39 -6.05
N GLY D 61 24.45 -16.66 -6.02
CA GLY D 61 24.57 -17.41 -7.25
C GLY D 61 23.27 -18.11 -7.55
N HIS D 62 23.23 -18.74 -8.71
CA HIS D 62 22.03 -19.40 -9.20
C HIS D 62 21.37 -20.31 -8.18
N SER D 63 22.15 -20.88 -7.27
CA SER D 63 21.61 -21.83 -6.31
C SER D 63 20.70 -21.11 -5.31
N GLU D 64 20.83 -19.79 -5.24
CA GLU D 64 20.01 -18.99 -4.33
C GLU D 64 18.57 -18.83 -4.83
N LEU D 65 18.34 -19.10 -6.12
CA LEU D 65 17.00 -19.05 -6.68
C LEU D 65 16.10 -20.17 -6.12
N ALA D 66 16.70 -21.05 -5.33
CA ALA D 66 15.98 -22.10 -4.62
C ALA D 66 14.62 -21.62 -4.15
N ASP D 67 13.56 -22.25 -4.65
CA ASP D 67 12.19 -21.96 -4.22
C ASP D 67 11.57 -20.65 -4.73
N ALA D 68 12.19 -20.02 -5.73
CA ALA D 68 11.57 -18.87 -6.38
C ALA D 68 10.25 -19.27 -7.02
N GLN D 69 9.21 -18.48 -6.79
CA GLN D 69 7.96 -18.64 -7.53
C GLN D 69 8.11 -18.07 -8.96
N VAL D 70 8.81 -16.95 -9.05
CA VAL D 70 9.07 -16.29 -10.32
C VAL D 70 10.56 -16.00 -10.48
N VAL D 71 11.13 -16.29 -11.64
CA VAL D 71 12.46 -15.77 -11.93
C VAL D 71 12.41 -14.85 -13.14
N ILE D 72 12.85 -13.61 -12.94
CA ILE D 72 12.85 -12.62 -14.01
C ILE D 72 14.22 -12.61 -14.67
N LEU D 73 14.28 -13.10 -15.91
CA LEU D 73 15.54 -13.21 -16.66
C LEU D 73 15.71 -11.95 -17.50
N THR D 74 16.69 -11.12 -17.15
CA THR D 74 16.83 -9.81 -17.80
C THR D 74 18.20 -9.72 -18.42
N ALA D 75 18.94 -10.81 -18.37
CA ALA D 75 20.31 -10.83 -18.87
C ALA D 75 20.33 -10.68 -20.38
N GLY D 76 21.20 -9.83 -20.88
CA GLY D 76 21.27 -9.60 -22.31
C GLY D 76 22.48 -8.75 -22.62
N ALA D 77 22.91 -8.79 -23.87
CA ALA D 77 24.11 -8.08 -24.27
C ALA D 77 23.77 -6.72 -24.84
N ARG D 85 18.12 -7.69 -34.45
CA ARG D 85 19.26 -8.10 -35.26
C ARG D 85 19.61 -9.56 -35.03
N LEU D 86 19.98 -10.25 -36.09
CA LEU D 86 20.52 -11.60 -35.99
C LEU D 86 21.68 -11.73 -35.00
N ASP D 87 22.63 -10.78 -35.00
CA ASP D 87 23.81 -10.93 -34.13
C ASP D 87 23.38 -10.80 -32.69
N LEU D 88 22.70 -9.68 -32.41
CA LEU D 88 22.18 -9.42 -31.08
C LEU D 88 21.48 -10.67 -30.60
N LEU D 89 20.64 -11.23 -31.46
CA LEU D 89 19.89 -12.43 -31.14
C LEU D 89 20.81 -13.62 -30.87
N GLU D 90 21.84 -13.80 -31.69
CA GLU D 90 22.72 -14.95 -31.52
C GLU D 90 23.59 -14.84 -30.27
N LYS D 91 23.86 -13.62 -29.81
CA LYS D 91 24.66 -13.45 -28.60
C LYS D 91 23.86 -13.79 -27.34
N ASN D 92 22.61 -13.33 -27.30
CA ASN D 92 21.76 -13.54 -26.14
C ASN D 92 21.29 -14.98 -26.05
N ALA D 93 21.09 -15.60 -27.20
CA ALA D 93 20.80 -17.03 -27.25
C ALA D 93 21.92 -17.81 -26.55
N ASP D 94 23.16 -17.41 -26.79
CA ASP D 94 24.30 -18.08 -26.17
C ASP D 94 24.24 -17.92 -24.65
N ILE D 95 24.02 -16.68 -24.22
CA ILE D 95 23.86 -16.38 -22.80
C ILE D 95 22.73 -17.18 -22.17
N PHE D 96 21.58 -17.19 -22.84
CA PHE D 96 20.43 -17.97 -22.37
C PHE D 96 20.73 -19.46 -22.24
N ARG D 97 21.37 -20.04 -23.27
CA ARG D 97 21.75 -21.46 -23.22
C ARG D 97 22.63 -21.77 -22.01
N GLU D 98 23.35 -20.76 -21.54
CA GLU D 98 24.14 -20.93 -20.33
C GLU D 98 23.35 -20.77 -19.04
N LEU D 99 22.43 -19.79 -19.01
CA LEU D 99 21.73 -19.43 -17.79
C LEU D 99 20.47 -20.26 -17.53
N VAL D 100 19.59 -20.33 -18.53
CA VAL D 100 18.31 -20.99 -18.32
C VAL D 100 18.47 -22.34 -17.61
N PRO D 101 19.42 -23.18 -18.05
CA PRO D 101 19.55 -24.49 -17.39
C PRO D 101 20.00 -24.39 -15.92
N GLN D 102 20.81 -23.38 -15.63
CA GLN D 102 21.17 -23.08 -14.25
C GLN D 102 19.91 -22.73 -13.46
N ILE D 103 19.04 -21.93 -14.05
CA ILE D 103 17.78 -21.55 -13.42
C ILE D 103 16.88 -22.76 -13.18
N THR D 104 16.68 -23.55 -14.23
CA THR D 104 15.87 -24.76 -14.16
C THR D 104 16.44 -25.71 -13.11
N ARG D 105 17.77 -25.75 -13.01
CA ARG D 105 18.46 -26.50 -11.99
C ARG D 105 17.91 -26.13 -10.61
N ALA D 106 18.07 -24.87 -10.24
CA ALA D 106 17.74 -24.45 -8.88
C ALA D 106 16.23 -24.24 -8.66
N ALA D 107 15.53 -23.75 -9.68
CA ALA D 107 14.13 -23.38 -9.49
C ALA D 107 13.25 -24.01 -10.57
N PRO D 108 13.14 -25.33 -10.54
CA PRO D 108 12.49 -26.09 -11.62
C PRO D 108 11.01 -25.78 -11.77
N ASP D 109 10.41 -25.24 -10.72
CA ASP D 109 8.99 -24.96 -10.76
C ASP D 109 8.68 -23.47 -10.76
N ALA D 110 9.71 -22.65 -10.86
CA ALA D 110 9.54 -21.21 -11.00
C ALA D 110 8.86 -20.85 -12.33
N VAL D 111 8.02 -19.84 -12.33
CA VAL D 111 7.66 -19.22 -13.54
C VAL D 111 8.78 -18.37 -14.01
N LEU D 112 9.11 -18.51 -15.27
CA LEU D 112 10.25 -17.86 -15.82
C LEU D 112 9.86 -16.71 -16.74
N LEU D 113 10.21 -15.50 -16.35
CA LEU D 113 9.74 -14.34 -17.03
C LEU D 113 10.84 -13.66 -17.78
N VAL D 114 10.80 -13.81 -19.09
CA VAL D 114 11.88 -13.42 -19.99
C VAL D 114 11.62 -12.00 -20.48
N THR D 115 12.62 -11.13 -20.36
CA THR D 115 12.45 -9.75 -20.81
C THR D 115 13.51 -9.28 -21.80
N SER D 116 14.61 -10.01 -21.89
CA SER D 116 15.68 -9.60 -22.80
C SER D 116 15.15 -9.45 -24.22
N ASN D 117 15.86 -8.66 -25.03
CA ASN D 117 15.48 -8.46 -26.43
C ASN D 117 16.31 -9.29 -27.39
N PRO D 118 15.70 -9.81 -28.46
CA PRO D 118 14.25 -9.71 -28.67
C PRO D 118 13.46 -10.65 -27.77
N VAL D 119 12.49 -10.10 -27.04
CA VAL D 119 11.79 -10.87 -26.04
C VAL D 119 11.08 -12.05 -26.68
N ASP D 120 10.47 -11.84 -27.84
CA ASP D 120 9.65 -12.88 -28.45
C ASP D 120 10.44 -14.15 -28.82
N LEU D 121 11.53 -13.96 -29.57
CA LEU D 121 12.35 -15.09 -29.96
C LEU D 121 13.07 -15.74 -28.80
N LEU D 122 13.48 -14.94 -27.81
CA LEU D 122 14.18 -15.47 -26.65
C LEU D 122 13.23 -16.21 -25.72
N THR D 123 11.96 -15.79 -25.71
CA THR D 123 10.97 -16.56 -24.97
C THR D 123 10.81 -17.94 -25.60
N ASP D 124 10.79 -17.98 -26.94
CA ASP D 124 10.83 -19.25 -27.67
C ASP D 124 12.02 -20.11 -27.29
N LEU D 125 13.20 -19.51 -27.27
CA LEU D 125 14.42 -20.23 -26.88
C LEU D 125 14.29 -20.75 -25.44
N ALA D 126 13.93 -19.87 -24.51
CA ALA D 126 13.87 -20.29 -23.12
C ALA D 126 12.86 -21.42 -22.96
N THR D 127 11.80 -21.39 -23.76
CA THR D 127 10.76 -22.41 -23.64
C THR D 127 11.39 -23.76 -24.01
N GLN D 128 12.22 -23.72 -25.05
CA GLN D 128 12.96 -24.88 -25.51
C GLN D 128 13.90 -25.33 -24.39
N LEU D 129 14.64 -24.38 -23.84
CA LEU D 129 15.65 -24.70 -22.82
C LEU D 129 15.00 -25.15 -21.52
N ALA D 130 13.79 -24.70 -21.26
CA ALA D 130 13.14 -25.05 -20.01
C ALA D 130 11.72 -25.58 -20.26
N PRO D 131 11.62 -26.82 -20.76
CA PRO D 131 10.31 -27.47 -20.91
C PRO D 131 9.83 -27.93 -19.55
N GLY D 132 8.51 -28.11 -19.40
CA GLY D 132 7.99 -28.49 -18.09
C GLY D 132 8.14 -27.41 -17.04
N GLN D 133 8.01 -26.16 -17.46
CA GLN D 133 8.11 -25.03 -16.56
C GLN D 133 7.45 -23.86 -17.29
N PRO D 134 6.55 -23.13 -16.62
CA PRO D 134 5.92 -21.98 -17.28
C PRO D 134 6.98 -20.97 -17.74
N VAL D 135 6.95 -20.60 -19.02
CA VAL D 135 7.85 -19.60 -19.55
C VAL D 135 7.07 -18.49 -20.25
N ILE D 136 7.36 -17.25 -19.90
CA ILE D 136 6.61 -16.11 -20.38
C ILE D 136 7.55 -14.97 -20.76
N GLY D 137 7.21 -14.23 -21.81
CA GLY D 137 7.95 -13.02 -22.11
C GLY D 137 7.16 -11.75 -21.84
N SER D 138 7.83 -10.71 -21.41
CA SER D 138 7.15 -9.47 -21.06
C SER D 138 6.38 -8.93 -22.25
N GLY D 139 6.85 -9.29 -23.44
CA GLY D 139 6.16 -8.93 -24.68
C GLY D 139 5.73 -7.47 -24.76
N THR D 140 4.47 -7.27 -25.12
CA THR D 140 3.88 -5.94 -25.28
C THR D 140 3.11 -5.42 -24.06
N VAL D 141 3.28 -6.05 -22.90
CA VAL D 141 2.58 -5.61 -21.69
C VAL D 141 2.68 -4.12 -21.42
N LEU D 142 3.89 -3.57 -21.45
CA LEU D 142 4.07 -2.15 -21.25
C LEU D 142 3.34 -1.37 -22.34
N ASP D 143 3.58 -1.75 -23.59
CA ASP D 143 2.96 -1.08 -24.74
C ASP D 143 1.43 -1.03 -24.59
N SER D 144 0.83 -2.15 -24.25
CA SER D 144 -0.60 -2.19 -24.04
C SER D 144 -1.01 -1.18 -22.97
N ALA D 145 -0.18 -1.05 -21.93
CA ALA D 145 -0.47 -0.13 -20.85
C ALA D 145 -0.39 1.34 -21.29
N ARG D 146 0.60 1.67 -22.12
CA ARG D 146 0.71 3.03 -22.65
C ARG D 146 -0.49 3.36 -23.54
N PHE D 147 -0.79 2.45 -24.45
CA PHE D 147 -1.95 2.55 -25.32
C PHE D 147 -3.21 2.90 -24.54
N ARG D 148 -3.49 2.16 -23.49
CA ARG D 148 -4.60 2.48 -22.63
C ARG D 148 -4.46 3.82 -21.95
N HIS D 149 -3.29 4.06 -21.38
CA HIS D 149 -3.06 5.29 -20.63
C HIS D 149 -3.32 6.49 -21.52
N LEU D 150 -2.80 6.47 -22.74
CA LEU D 150 -2.92 7.61 -23.63
C LEU D 150 -4.37 7.89 -24.07
N MET D 151 -5.14 6.84 -24.35
CA MET D 151 -6.54 7.01 -24.67
C MET D 151 -7.28 7.57 -23.44
N ALA D 152 -7.04 6.95 -22.29
CA ALA D 152 -7.66 7.41 -21.05
C ALA D 152 -7.34 8.89 -20.79
N GLN D 153 -6.10 9.28 -21.07
CA GLN D 153 -5.67 10.65 -20.82
C GLN D 153 -6.41 11.61 -21.75
N HIS D 154 -6.66 11.17 -22.99
CA HIS D 154 -7.37 11.98 -23.97
C HIS D 154 -8.87 12.01 -23.70
N ALA D 155 -9.39 10.94 -23.10
CA ALA D 155 -10.81 10.87 -22.81
C ALA D 155 -11.14 11.59 -21.50
N GLY D 156 -10.10 11.88 -20.71
CA GLY D 156 -10.28 12.44 -19.38
C GLY D 156 -10.94 11.57 -18.29
N VAL D 157 -10.48 10.32 -18.12
CA VAL D 157 -11.02 9.36 -17.15
C VAL D 157 -9.83 8.56 -16.68
N ASP D 158 -9.92 7.99 -15.51
CA ASP D 158 -8.80 7.20 -15.09
C ASP D 158 -8.52 6.01 -16.05
N GLY D 159 -7.25 5.60 -16.11
CA GLY D 159 -6.82 4.54 -17.01
C GLY D 159 -7.47 3.16 -16.85
N THR D 160 -7.94 2.80 -15.66
CA THR D 160 -8.67 1.56 -15.50
C THR D 160 -9.92 1.46 -16.39
N HIS D 161 -10.43 2.60 -16.86
CA HIS D 161 -11.65 2.61 -17.66
C HIS D 161 -11.32 2.59 -19.16
N ALA D 162 -10.04 2.52 -19.50
CA ALA D 162 -9.65 2.27 -20.87
C ALA D 162 -9.33 0.79 -21.09
N HIS D 163 -9.71 0.25 -22.25
CA HIS D 163 -9.33 -1.10 -22.66
C HIS D 163 -8.67 -1.09 -24.03
N GLY D 164 -7.62 -1.88 -24.18
CA GLY D 164 -6.96 -1.97 -25.48
C GLY D 164 -5.72 -2.84 -25.45
N TYR D 165 -5.40 -3.46 -26.56
CA TYR D 165 -4.28 -4.38 -26.61
C TYR D 165 -3.30 -3.91 -27.67
N VAL D 166 -2.00 -4.07 -27.38
CA VAL D 166 -0.99 -4.05 -28.42
C VAL D 166 -0.53 -5.47 -28.63
N LEU D 167 -0.72 -5.99 -29.82
CA LEU D 167 -0.50 -7.41 -30.10
C LEU D 167 0.77 -7.60 -30.91
N GLY D 168 1.20 -8.86 -31.03
CA GLY D 168 2.23 -9.21 -31.99
C GLY D 168 3.65 -9.10 -31.49
N GLU D 169 4.56 -8.71 -32.37
CA GLU D 169 5.98 -8.65 -32.07
C GLU D 169 6.28 -7.39 -31.29
N HIS D 170 6.99 -7.52 -30.19
CA HIS D 170 7.48 -6.37 -29.45
C HIS D 170 8.40 -5.57 -30.39
N GLY D 171 8.04 -4.31 -30.64
CA GLY D 171 8.82 -3.48 -31.54
C GLY D 171 7.99 -2.63 -32.49
N ASP D 172 8.61 -2.17 -33.57
CA ASP D 172 7.93 -1.32 -34.55
C ASP D 172 6.80 -2.08 -35.23
N SER D 173 6.95 -3.40 -35.32
CA SER D 173 5.99 -4.24 -36.05
C SER D 173 4.72 -4.53 -35.24
N GLU D 174 4.66 -4.05 -34.00
CA GLU D 174 3.55 -4.42 -33.12
C GLU D 174 2.24 -3.78 -33.54
N VAL D 175 1.13 -4.45 -33.22
CA VAL D 175 -0.18 -4.01 -33.70
C VAL D 175 -1.05 -3.42 -32.61
N LEU D 176 -1.52 -2.20 -32.83
CA LEU D 176 -2.50 -1.61 -31.93
C LEU D 176 -3.90 -2.00 -32.41
N ALA D 177 -4.63 -2.73 -31.56
CA ALA D 177 -5.95 -3.22 -31.91
C ALA D 177 -6.97 -2.11 -31.68
N TRP D 178 -6.91 -1.09 -32.51
CA TRP D 178 -7.86 0.00 -32.45
C TRP D 178 -9.31 -0.50 -32.51
N SER D 179 -9.54 -1.49 -33.37
CA SER D 179 -10.86 -2.00 -33.63
C SER D 179 -11.57 -2.44 -32.34
N SER D 180 -10.82 -2.75 -31.28
CA SER D 180 -11.45 -3.14 -30.03
C SER D 180 -11.18 -2.18 -28.86
N ALA D 181 -10.47 -1.07 -29.12
CA ALA D 181 -10.23 -0.10 -28.07
C ALA D 181 -11.55 0.37 -27.46
N MET D 182 -11.54 0.56 -26.16
CA MET D 182 -12.76 0.76 -25.39
C MET D 182 -12.51 1.83 -24.32
N VAL D 183 -13.44 2.75 -24.14
CA VAL D 183 -13.43 3.63 -22.98
C VAL D 183 -14.77 3.62 -22.27
N ALA D 184 -14.75 3.39 -20.96
CA ALA D 184 -15.98 3.25 -20.18
C ALA D 184 -17.01 2.34 -20.86
N GLY D 185 -16.55 1.24 -21.43
CA GLY D 185 -17.46 0.23 -21.93
C GLY D 185 -17.98 0.51 -23.33
N MET D 186 -17.56 1.64 -23.91
CA MET D 186 -17.91 1.95 -25.30
C MET D 186 -16.66 1.87 -26.15
N PRO D 187 -16.84 1.70 -27.47
CA PRO D 187 -15.76 1.90 -28.43
C PRO D 187 -15.27 3.33 -28.32
N VAL D 188 -13.97 3.52 -28.31
CA VAL D 188 -13.41 4.83 -28.03
C VAL D 188 -14.01 5.97 -28.87
N ALA D 189 -14.13 5.78 -30.19
CA ALA D 189 -14.79 6.77 -31.04
C ALA D 189 -16.13 7.24 -30.46
N ASP D 190 -16.95 6.28 -30.04
CA ASP D 190 -18.28 6.58 -29.51
C ASP D 190 -18.18 7.32 -28.19
N PHE D 191 -17.17 7.00 -27.40
CA PHE D 191 -17.01 7.71 -26.16
C PHE D 191 -16.63 9.16 -26.44
N MET D 192 -15.72 9.36 -27.38
CA MET D 192 -15.21 10.71 -27.66
C MET D 192 -16.33 11.62 -28.19
N GLN D 193 -17.21 11.03 -28.99
CA GLN D 193 -18.33 11.78 -29.53
C GLN D 193 -19.32 12.15 -28.42
N ALA D 194 -19.67 11.18 -27.58
CA ALA D 194 -20.57 11.46 -26.46
C ALA D 194 -20.06 12.61 -25.60
N GLN D 195 -18.75 12.63 -25.34
CA GLN D 195 -18.16 13.67 -24.51
C GLN D 195 -17.76 14.88 -25.33
N ASN D 196 -18.16 14.87 -26.60
CA ASN D 196 -17.82 15.94 -27.53
C ASN D 196 -16.35 16.33 -27.46
N LEU D 197 -15.49 15.34 -27.63
CA LEU D 197 -14.06 15.60 -27.69
C LEU D 197 -13.57 15.20 -29.07
N PRO D 198 -12.41 15.73 -29.49
CA PRO D 198 -11.89 15.44 -30.84
C PRO D 198 -11.36 14.02 -30.97
N TRP D 199 -11.69 13.36 -32.07
CA TRP D 199 -11.14 12.06 -32.36
C TRP D 199 -10.87 11.98 -33.85
N ASN D 200 -9.60 11.85 -34.22
CA ASN D 200 -9.24 11.79 -35.63
C ASN D 200 -7.89 11.11 -35.87
N GLU D 201 -7.54 10.98 -37.14
CA GLU D 201 -6.32 10.28 -37.53
C GLU D 201 -5.07 10.90 -36.93
N GLN D 202 -5.16 12.18 -36.57
CA GLN D 202 -4.01 12.92 -36.06
C GLN D 202 -3.85 12.76 -34.54
N VAL D 203 -4.98 12.65 -33.84
CA VAL D 203 -4.97 12.32 -32.41
C VAL D 203 -4.52 10.88 -32.24
N ARG D 204 -5.00 10.01 -33.13
CA ARG D 204 -4.74 8.60 -32.96
C ARG D 204 -3.31 8.21 -33.33
N ALA D 205 -2.68 9.00 -34.21
CA ALA D 205 -1.29 8.72 -34.59
C ALA D 205 -0.31 9.26 -33.55
N LYS D 206 -0.77 10.23 -32.77
CA LYS D 206 0.04 10.78 -31.68
C LYS D 206 0.03 9.85 -30.48
N ILE D 207 -1.08 9.15 -30.30
CA ILE D 207 -1.17 8.10 -29.30
C ILE D 207 -0.30 6.94 -29.77
N ASP D 208 -0.54 6.49 -30.99
CA ASP D 208 0.25 5.42 -31.55
C ASP D 208 1.75 5.69 -31.41
N GLU D 209 2.12 6.98 -31.36
CA GLU D 209 3.52 7.37 -31.20
C GLU D 209 4.05 7.14 -29.79
N GLY D 210 3.32 7.65 -28.79
CA GLY D 210 3.70 7.45 -27.40
C GLY D 210 3.60 5.98 -26.96
N THR D 211 2.81 5.20 -27.70
CA THR D 211 2.68 3.75 -27.45
C THR D 211 3.89 2.95 -27.95
N ARG D 212 4.33 3.20 -29.17
CA ARG D 212 5.51 2.49 -29.68
C ARG D 212 6.77 3.13 -29.11
N THR D 225 15.21 5.48 -19.82
CA THR D 225 14.97 4.99 -18.47
C THR D 225 14.04 3.76 -18.51
N TYR D 226 14.01 3.00 -17.42
CA TYR D 226 13.27 1.74 -17.41
C TYR D 226 12.21 1.62 -16.33
N TYR D 227 11.60 2.74 -15.97
CA TYR D 227 10.59 2.71 -14.91
C TYR D 227 9.31 2.04 -15.39
N GLY D 228 8.90 2.33 -16.61
CA GLY D 228 7.70 1.73 -17.14
C GLY D 228 7.78 0.21 -17.18
N ILE D 229 8.84 -0.32 -17.76
CA ILE D 229 9.00 -1.76 -17.88
C ILE D 229 9.23 -2.40 -16.50
N GLY D 230 9.92 -1.67 -15.63
CA GLY D 230 10.13 -2.18 -14.29
C GLY D 230 8.79 -2.41 -13.63
N ALA D 231 7.92 -1.42 -13.69
CA ALA D 231 6.66 -1.56 -12.99
C ALA D 231 5.80 -2.64 -13.67
N ALA D 232 5.89 -2.72 -15.00
CA ALA D 232 5.16 -3.78 -15.71
C ALA D 232 5.63 -5.18 -15.28
N LEU D 233 6.95 -5.38 -15.27
CA LEU D 233 7.49 -6.65 -14.83
C LEU D 233 6.98 -6.98 -13.43
N ALA D 234 6.85 -5.99 -12.57
CA ALA D 234 6.32 -6.25 -11.23
C ALA D 234 4.87 -6.72 -11.31
N ARG D 235 4.11 -6.12 -12.22
CA ARG D 235 2.69 -6.44 -12.31
C ARG D 235 2.51 -7.88 -12.80
N ILE D 236 3.31 -8.28 -13.80
CA ILE D 236 3.26 -9.64 -14.26
C ILE D 236 3.65 -10.54 -13.09
N THR D 237 4.74 -10.21 -12.40
CA THR D 237 5.17 -11.04 -11.28
C THR D 237 4.10 -11.14 -10.17
N GLU D 238 3.42 -10.04 -9.88
CA GLU D 238 2.40 -10.09 -8.84
C GLU D 238 1.21 -10.96 -9.24
N ALA D 239 0.88 -10.95 -10.53
CA ALA D 239 -0.16 -11.81 -11.08
C ALA D 239 0.15 -13.27 -10.78
N VAL D 240 1.41 -13.66 -10.95
CA VAL D 240 1.76 -15.03 -10.67
C VAL D 240 1.76 -15.32 -9.18
N LEU D 241 2.38 -14.43 -8.40
CA LEU D 241 2.50 -14.60 -6.95
C LEU D 241 1.14 -14.68 -6.28
N ARG D 242 0.21 -13.83 -6.71
CA ARG D 242 -1.09 -13.79 -6.07
C ARG D 242 -2.15 -14.61 -6.78
N ASP D 243 -1.78 -15.20 -7.91
CA ASP D 243 -2.73 -15.95 -8.71
C ASP D 243 -3.92 -15.06 -9.11
N ARG D 244 -3.66 -13.98 -9.79
CA ARG D 244 -4.62 -12.93 -9.91
C ARG D 244 -5.57 -13.15 -11.05
N ARG D 245 -5.21 -14.05 -11.94
CA ARG D 245 -5.96 -14.24 -13.17
C ARG D 245 -6.10 -12.90 -13.89
N ALA D 246 -4.98 -12.21 -14.06
CA ALA D 246 -4.91 -10.96 -14.83
C ALA D 246 -4.80 -11.21 -16.34
N VAL D 247 -5.48 -10.37 -17.13
CA VAL D 247 -5.36 -10.46 -18.57
C VAL D 247 -4.21 -9.57 -19.04
N LEU D 248 -3.08 -10.18 -19.39
CA LEU D 248 -1.89 -9.47 -19.82
C LEU D 248 -1.45 -9.90 -21.23
N THR D 249 -1.09 -8.95 -22.09
CA THR D 249 -0.60 -9.29 -23.41
C THR D 249 0.88 -9.67 -23.35
N VAL D 250 1.18 -10.80 -22.70
CA VAL D 250 2.54 -11.32 -22.65
C VAL D 250 2.87 -12.20 -23.85
N SER D 251 4.15 -12.53 -23.99
CA SER D 251 4.59 -13.29 -25.13
C SER D 251 4.71 -14.77 -24.78
N ALA D 252 4.14 -15.62 -25.61
CA ALA D 252 4.24 -17.05 -25.42
C ALA D 252 4.09 -17.72 -26.78
N PRO D 253 4.64 -18.95 -26.92
CA PRO D 253 4.52 -19.67 -28.19
C PRO D 253 3.04 -19.79 -28.56
N THR D 254 2.71 -19.37 -29.77
CA THR D 254 1.33 -19.31 -30.23
C THR D 254 1.22 -20.18 -31.49
N PRO D 255 0.70 -21.40 -31.34
CA PRO D 255 0.73 -22.38 -32.44
C PRO D 255 0.10 -21.92 -33.74
N GLU D 256 -0.97 -21.14 -33.66
CA GLU D 256 -1.59 -20.58 -34.86
C GLU D 256 -0.60 -19.80 -35.74
N TYR D 257 0.46 -19.27 -35.13
CA TYR D 257 1.48 -18.53 -35.87
C TYR D 257 2.85 -19.20 -35.87
N GLY D 258 2.99 -20.28 -35.12
CA GLY D 258 4.25 -20.98 -35.07
C GLY D 258 5.39 -20.21 -34.42
N VAL D 259 5.08 -19.06 -33.81
CA VAL D 259 6.06 -18.33 -33.01
C VAL D 259 5.51 -17.83 -31.69
N SER D 260 6.42 -17.40 -30.81
CA SER D 260 6.01 -16.72 -29.60
C SER D 260 5.64 -15.29 -29.96
N LEU D 261 4.55 -14.83 -29.37
CA LEU D 261 3.87 -13.60 -29.78
C LEU D 261 3.08 -13.07 -28.59
N SER D 262 2.88 -11.76 -28.53
CA SER D 262 1.99 -11.21 -27.53
C SER D 262 0.53 -11.28 -28.00
N LEU D 263 -0.29 -12.03 -27.25
CA LEU D 263 -1.74 -11.90 -27.27
C LEU D 263 -2.25 -11.76 -25.84
N PRO D 264 -3.50 -11.33 -25.67
CA PRO D 264 -3.97 -11.28 -24.28
C PRO D 264 -4.08 -12.68 -23.68
N ARG D 265 -3.53 -12.85 -22.49
CA ARG D 265 -3.54 -14.15 -21.81
C ARG D 265 -3.88 -13.97 -20.33
N VAL D 266 -4.67 -14.92 -19.81
CA VAL D 266 -5.00 -14.93 -18.41
C VAL D 266 -3.84 -15.58 -17.69
N VAL D 267 -3.21 -14.81 -16.81
CA VAL D 267 -1.95 -15.22 -16.17
C VAL D 267 -2.16 -15.43 -14.68
N GLY D 268 -1.68 -16.56 -14.18
CA GLY D 268 -1.83 -16.87 -12.79
C GLY D 268 -0.63 -17.56 -12.18
N ARG D 269 -0.87 -18.27 -11.09
CA ARG D 269 0.18 -18.94 -10.34
C ARG D 269 0.91 -19.97 -11.19
N GLN D 270 0.20 -20.61 -12.11
CA GLN D 270 0.80 -21.59 -12.99
C GLN D 270 1.18 -20.97 -14.33
N GLY D 271 1.16 -19.65 -14.40
CA GLY D 271 1.53 -18.96 -15.63
C GLY D 271 0.33 -18.67 -16.52
N VAL D 272 0.48 -18.89 -17.82
CA VAL D 272 -0.60 -18.67 -18.77
C VAL D 272 -1.66 -19.77 -18.63
N LEU D 273 -2.86 -19.40 -18.18
CA LEU D 273 -3.92 -20.37 -17.98
C LEU D 273 -4.77 -20.51 -19.25
N SER D 274 -4.81 -19.46 -20.05
CA SER D 274 -5.51 -19.52 -21.32
C SER D 274 -5.20 -18.31 -22.19
N THR D 275 -5.39 -18.46 -23.49
CA THR D 275 -5.16 -17.39 -24.45
C THR D 275 -6.48 -16.90 -25.03
N LEU D 276 -6.64 -15.58 -25.11
CA LEU D 276 -7.85 -15.00 -25.65
C LEU D 276 -7.56 -14.31 -26.98
N HIS D 277 -7.85 -15.01 -28.09
CA HIS D 277 -7.56 -14.44 -29.40
C HIS D 277 -8.59 -13.34 -29.71
N PRO D 278 -8.12 -12.09 -29.83
CA PRO D 278 -9.05 -10.98 -30.09
C PRO D 278 -9.58 -10.95 -31.51
N LYS D 279 -10.79 -10.41 -31.69
CA LYS D 279 -11.34 -10.17 -33.02
C LYS D 279 -10.67 -8.93 -33.57
N LEU D 280 -10.01 -9.06 -34.69
CA LEU D 280 -9.36 -7.93 -35.33
C LEU D 280 -10.02 -7.61 -36.68
N THR D 281 -9.84 -6.38 -37.15
CA THR D 281 -10.19 -6.09 -38.54
C THR D 281 -9.25 -6.85 -39.47
N GLY D 282 -9.66 -7.01 -40.72
CA GLY D 282 -8.81 -7.65 -41.70
C GLY D 282 -7.44 -6.97 -41.78
N ASP D 283 -7.43 -5.65 -41.61
CA ASP D 283 -6.20 -4.88 -41.68
C ASP D 283 -5.28 -5.19 -40.49
N GLU D 284 -5.89 -5.33 -39.32
CA GLU D 284 -5.13 -5.61 -38.09
C GLU D 284 -4.63 -7.03 -38.08
N GLN D 285 -5.45 -7.95 -38.56
CA GLN D 285 -5.05 -9.36 -38.66
C GLN D 285 -3.92 -9.52 -39.66
N GLN D 286 -3.88 -8.64 -40.65
CA GLN D 286 -2.79 -8.65 -41.62
C GLN D 286 -1.50 -8.22 -40.96
N LYS D 287 -1.49 -7.00 -40.44
CA LYS D 287 -0.31 -6.50 -39.76
C LYS D 287 0.22 -7.55 -38.80
N LEU D 288 -0.70 -8.30 -38.20
CA LEU D 288 -0.31 -9.28 -37.19
C LEU D 288 0.46 -10.41 -37.85
N GLU D 289 -0.10 -10.97 -38.92
CA GLU D 289 0.52 -12.12 -39.61
C GLU D 289 1.83 -11.75 -40.31
N GLN D 290 1.89 -10.51 -40.79
CA GLN D 290 3.13 -9.94 -41.30
C GLN D 290 4.14 -9.94 -40.17
N SER D 291 3.72 -9.42 -39.02
CA SER D 291 4.57 -9.37 -37.83
C SER D 291 5.09 -10.77 -37.49
N ALA D 292 4.21 -11.76 -37.57
CA ALA D 292 4.58 -13.13 -37.22
C ALA D 292 5.52 -13.73 -38.26
N GLY D 293 5.40 -13.26 -39.51
CA GLY D 293 6.24 -13.78 -40.58
C GLY D 293 7.71 -13.53 -40.28
N VAL D 294 8.05 -12.27 -40.03
CA VAL D 294 9.39 -11.91 -39.57
C VAL D 294 9.90 -12.95 -38.59
N LEU D 295 9.31 -12.93 -37.39
CA LEU D 295 9.73 -13.81 -36.31
C LEU D 295 9.91 -15.23 -36.80
N ARG D 296 9.08 -15.64 -37.75
CA ARG D 296 9.18 -16.99 -38.28
C ARG D 296 10.56 -17.17 -38.92
N GLY D 297 11.09 -16.09 -39.51
CA GLY D 297 12.47 -16.10 -39.98
C GLY D 297 13.48 -16.45 -38.90
N PHE D 298 13.50 -15.66 -37.83
CA PHE D 298 14.45 -15.91 -36.77
C PHE D 298 14.12 -17.18 -36.13
#